data_5VVN
#
_entry.id   5VVN
#
_cell.length_a   58.093
_cell.length_b   106.388
_cell.length_c   156.040
_cell.angle_alpha   90.00
_cell.angle_beta   90.00
_cell.angle_gamma   90.00
#
_symmetry.space_group_name_H-M   'P 21 21 21'
#
loop_
_entity.id
_entity.type
_entity.pdbx_description
1 polymer 'Nitric oxide synthase, endothelial'
2 non-polymer 'PROTOPORPHYRIN IX CONTAINING FE'
3 non-polymer 5,6,7,8-TETRAHYDROBIOPTERIN
4 non-polymer 4-(2-{[(2-aminoquinolin-7-yl)methyl]amino}ethyl)benzonitrile
5 non-polymer 'ACETATE ION'
6 non-polymer GLYCEROL
7 non-polymer 'ZINC ION'
8 water water
#
_entity_poly.entity_id   1
_entity_poly.type   'polypeptide(L)'
_entity_poly.pdbx_seq_one_letter_code
;RAPAPATPHAPDHSPAPNSPTLTRPPEGPKFPRVKNWELGSITYDTLCAQSQQDGPCTPRRCLGSLVLPRKLQTRPSPGP
PPAEQLLSQARDFINQYYSSIKRSGSQAHEERLQEVEAEVASTGTYHLRESELVFGAKQAWRNAPRCVGRIQWGKLQVFD
ARDCSSAQEMFTYICNHIKYATNRGNLRSAITVFPQRAPGRGDFRIWNSQLVRYAGYRQQDGSVRGDPANVEITELCIQH
GWTPGNGRFDVLPLLLQAPDEAPELFVLPPELVLEVPLEHPTLEWFAALGLRWYALPAVSNMLLEIGGLEFSAAPFSGWY
MSTEIGTRNLCDPHRYNILEDVAV(CAS)MDLDTRTTSSLWKDKAAVEINLAVLHSFQLAKVTIVDHHAATVSFMKHLDN
EQKARGGCPADWAWIVPPISGSLTPVFHQEMVNYILSPAFRYQPDPW
;
_entity_poly.pdbx_strand_id   A,B
#
loop_
_chem_comp.id
_chem_comp.type
_chem_comp.name
_chem_comp.formula
ACT non-polymer 'ACETATE ION' 'C2 H3 O2 -1'
GOL non-polymer GLYCEROL 'C3 H8 O3'
H4B non-polymer 5,6,7,8-TETRAHYDROBIOPTERIN 'C9 H15 N5 O3'
HEM non-polymer 'PROTOPORPHYRIN IX CONTAINING FE' 'C34 H32 Fe N4 O4'
P94 non-polymer 4-(2-{[(2-aminoquinolin-7-yl)methyl]amino}ethyl)benzonitrile 'C19 H18 N4'
ZN non-polymer 'ZINC ION' 'Zn 2'
#
# COMPACT_ATOMS: atom_id res chain seq x y z
N GLY A 28 0.61 -21.27 -16.15
CA GLY A 28 -0.33 -21.99 -16.99
C GLY A 28 -1.39 -21.09 -17.60
N PRO A 29 -2.37 -20.66 -16.78
CA PRO A 29 -3.45 -19.78 -17.25
C PRO A 29 -2.95 -18.40 -17.72
N LYS A 30 -3.48 -17.93 -18.85
CA LYS A 30 -3.13 -16.62 -19.39
C LYS A 30 -3.82 -15.48 -18.64
N PHE A 31 -3.75 -15.51 -17.32
CA PHE A 31 -4.40 -14.51 -16.49
C PHE A 31 -3.51 -14.20 -15.29
N PRO A 32 -3.67 -13.01 -14.68
CA PRO A 32 -2.94 -12.64 -13.46
C PRO A 32 -2.96 -13.71 -12.36
N ARG A 33 -1.80 -14.26 -12.03
CA ARG A 33 -1.69 -15.14 -10.87
C ARG A 33 -1.61 -14.32 -9.59
N VAL A 34 -2.50 -14.60 -8.66
CA VAL A 34 -2.66 -13.80 -7.44
C VAL A 34 -2.35 -14.68 -6.23
N LYS A 35 -1.55 -14.18 -5.30
CA LYS A 35 -1.15 -14.99 -4.14
C LYS A 35 -1.50 -14.39 -2.78
N ASN A 36 -1.92 -15.26 -1.85
CA ASN A 36 -2.00 -14.88 -0.44
C ASN A 36 -0.78 -15.45 0.27
N TRP A 37 0.04 -14.57 0.84
CA TRP A 37 1.33 -14.98 1.39
C TRP A 37 1.25 -15.47 2.82
N GLU A 38 0.15 -15.15 3.50
CA GLU A 38 -0.15 -15.73 4.80
C GLU A 38 -0.51 -17.22 4.67
N LEU A 39 -1.42 -17.53 3.74
CA LEU A 39 -2.01 -18.86 3.62
C LEU A 39 -1.39 -19.70 2.52
N GLY A 40 -0.65 -19.05 1.63
CA GLY A 40 0.02 -19.74 0.54
C GLY A 40 -0.86 -20.04 -0.66
N SER A 41 -2.13 -19.63 -0.58
CA SER A 41 -3.10 -19.93 -1.63
C SER A 41 -2.97 -19.05 -2.89
N ILE A 42 -3.15 -19.69 -4.04
CA ILE A 42 -3.11 -19.05 -5.36
C ILE A 42 -4.51 -18.95 -5.98
N THR A 43 -4.80 -17.81 -6.62
CA THR A 43 -5.94 -17.70 -7.51
C THR A 43 -5.52 -17.04 -8.81
N TYR A 44 -6.43 -17.02 -9.76
CA TYR A 44 -6.22 -16.35 -11.02
C TYR A 44 -7.40 -15.42 -11.23
N ASP A 45 -7.12 -14.25 -11.77
CA ASP A 45 -8.16 -13.27 -12.07
C ASP A 45 -8.46 -13.32 -13.57
N THR A 46 -9.69 -13.73 -13.90
CA THR A 46 -10.14 -13.84 -15.29
C THR A 46 -11.14 -12.72 -15.54
N LEU A 47 -11.63 -12.15 -14.44
CA LEU A 47 -12.58 -11.04 -14.48
C LEU A 47 -11.99 -9.79 -15.14
N CYS A 48 -10.72 -9.51 -14.86
CA CYS A 48 -10.01 -8.36 -15.44
C CYS A 48 -10.13 -8.27 -16.98
N ALA A 49 -10.28 -9.42 -17.63
CA ALA A 49 -10.47 -9.50 -19.08
C ALA A 49 -11.77 -8.83 -19.56
N GLN A 50 -12.67 -8.54 -18.62
CA GLN A 50 -13.90 -7.80 -18.90
C GLN A 50 -13.74 -6.27 -18.87
N SER A 51 -12.57 -5.80 -18.43
CA SER A 51 -12.31 -4.36 -18.33
C SER A 51 -12.22 -3.70 -19.69
N GLN A 52 -12.94 -2.59 -19.86
CA GLN A 52 -12.91 -1.86 -21.12
C GLN A 52 -12.06 -0.59 -21.03
N GLN A 53 -11.88 -0.07 -19.81
CA GLN A 53 -11.18 1.19 -19.63
C GLN A 53 -9.76 1.02 -19.11
N ASP A 54 -8.82 1.71 -19.74
CA ASP A 54 -7.44 1.71 -19.28
C ASP A 54 -7.30 2.44 -17.94
N GLY A 55 -6.34 2.01 -17.13
CA GLY A 55 -5.98 2.69 -15.91
C GLY A 55 -4.72 3.50 -16.16
N PRO A 56 -4.04 3.95 -15.10
CA PRO A 56 -2.89 4.86 -15.26
C PRO A 56 -1.52 4.15 -15.47
N CYS A 57 -1.50 2.82 -15.49
CA CYS A 57 -0.22 2.10 -15.56
C CYS A 57 0.18 1.69 -16.97
N THR A 58 1.48 1.44 -17.15
CA THR A 58 2.04 0.97 -18.43
C THR A 58 3.16 -0.01 -18.10
N PRO A 59 3.62 -0.78 -19.10
CA PRO A 59 4.80 -1.64 -18.89
C PRO A 59 6.02 -0.89 -18.33
N ARG A 60 6.10 0.42 -18.57
CA ARG A 60 7.27 1.22 -18.21
C ARG A 60 7.22 1.73 -16.77
N ARG A 61 6.04 2.16 -16.32
CA ARG A 61 5.91 2.56 -14.93
C ARG A 61 4.55 2.29 -14.29
N CYS A 62 4.58 1.94 -13.01
CA CYS A 62 3.38 1.77 -12.22
C CYS A 62 3.02 3.07 -11.49
N LEU A 63 1.83 3.59 -11.80
CA LEU A 63 1.30 4.82 -11.20
C LEU A 63 0.15 4.49 -10.26
N GLY A 64 0.23 3.34 -9.61
CA GLY A 64 -0.85 2.83 -8.79
C GLY A 64 -1.10 3.60 -7.53
N SER A 65 -0.10 4.33 -7.05
CA SER A 65 -0.22 5.04 -5.78
C SER A 65 -0.78 6.47 -5.93
N LEU A 66 -1.11 6.87 -7.15
CA LEU A 66 -1.68 8.20 -7.33
C LEU A 66 -3.18 8.19 -7.00
N VAL A 67 -3.61 9.17 -6.22
CA VAL A 67 -5.00 9.29 -5.82
C VAL A 67 -5.93 9.58 -7.00
N LEU A 68 -5.62 10.64 -7.75
CA LEU A 68 -6.40 11.06 -8.90
C LEU A 68 -5.51 11.15 -10.12
N PRO A 69 -5.22 10.01 -10.75
CA PRO A 69 -4.36 10.03 -11.95
C PRO A 69 -5.16 10.52 -13.15
N ARG A 70 -4.50 11.14 -14.12
CA ARG A 70 -5.17 11.72 -15.27
C ARG A 70 -6.01 10.70 -16.03
N PRO A 81 -22.29 11.94 -25.75
CA PRO A 81 -21.20 11.14 -26.32
C PRO A 81 -21.50 10.71 -27.75
N PRO A 82 -20.47 10.29 -28.51
CA PRO A 82 -20.71 9.72 -29.84
C PRO A 82 -21.62 8.51 -29.74
N ALA A 83 -22.72 8.51 -30.48
CA ALA A 83 -23.70 7.42 -30.40
C ALA A 83 -23.06 6.05 -30.58
N GLU A 84 -21.98 5.98 -31.36
CA GLU A 84 -21.26 4.73 -31.55
C GLU A 84 -20.69 4.27 -30.21
N GLN A 85 -20.02 5.20 -29.52
CA GLN A 85 -19.45 4.97 -28.20
C GLN A 85 -20.52 4.56 -27.19
N LEU A 86 -21.58 5.36 -27.09
CA LEU A 86 -22.67 5.15 -26.15
C LEU A 86 -23.30 3.78 -26.33
N LEU A 87 -23.65 3.46 -27.57
CA LEU A 87 -24.34 2.21 -27.88
C LEU A 87 -23.55 1.00 -27.42
N SER A 88 -22.25 1.00 -27.70
CA SER A 88 -21.39 -0.11 -27.29
C SER A 88 -21.36 -0.27 -25.77
N GLN A 89 -21.42 0.85 -25.05
CA GLN A 89 -21.48 0.81 -23.61
C GLN A 89 -22.84 0.35 -23.13
N ALA A 90 -23.89 0.92 -23.72
CA ALA A 90 -25.26 0.56 -23.40
C ALA A 90 -25.50 -0.94 -23.65
N ARG A 91 -25.05 -1.42 -24.80
CA ARG A 91 -25.18 -2.84 -25.13
C ARG A 91 -24.50 -3.70 -24.07
N ASP A 92 -23.26 -3.36 -23.75
CA ASP A 92 -22.52 -4.07 -22.72
C ASP A 92 -23.26 -4.12 -21.39
N PHE A 93 -23.81 -2.99 -20.95
CA PHE A 93 -24.54 -2.97 -19.69
C PHE A 93 -25.83 -3.82 -19.74
N ILE A 94 -26.61 -3.65 -20.80
CA ILE A 94 -27.80 -4.50 -20.97
C ILE A 94 -27.46 -6.00 -20.93
N ASN A 95 -26.36 -6.40 -21.58
CA ASN A 95 -25.88 -7.78 -21.44
C ASN A 95 -25.51 -8.17 -20.00
N GLN A 96 -24.84 -7.28 -19.28
CA GLN A 96 -24.56 -7.53 -17.88
C GLN A 96 -25.87 -7.76 -17.13
N TYR A 97 -26.88 -6.98 -17.48
CA TYR A 97 -28.14 -7.00 -16.77
C TYR A 97 -28.91 -8.29 -17.00
N TYR A 98 -29.08 -8.64 -18.26
CA TYR A 98 -29.76 -9.88 -18.59
C TYR A 98 -28.99 -11.08 -18.05
N SER A 99 -27.67 -10.97 -18.00
CA SER A 99 -26.86 -12.04 -17.44
C SER A 99 -27.19 -12.25 -15.96
N SER A 100 -27.34 -11.16 -15.22
CA SER A 100 -27.59 -11.27 -13.80
C SER A 100 -28.96 -11.85 -13.49
N ILE A 101 -29.89 -11.76 -14.43
CA ILE A 101 -31.21 -12.34 -14.20
C ILE A 101 -31.38 -13.66 -14.98
N LYS A 102 -30.25 -14.21 -15.45
CA LYS A 102 -30.18 -15.46 -16.23
C LYS A 102 -31.02 -15.50 -17.51
N ARG A 103 -31.02 -14.41 -18.30
CA ARG A 103 -31.81 -14.37 -19.52
C ARG A 103 -30.97 -13.90 -20.71
N SER A 104 -29.66 -14.11 -20.64
CA SER A 104 -28.77 -13.82 -21.77
C SER A 104 -29.17 -14.62 -23.02
N GLY A 105 -29.49 -13.92 -24.10
CA GLY A 105 -29.89 -14.54 -25.35
C GLY A 105 -31.38 -14.53 -25.59
N SER A 106 -32.15 -14.25 -24.54
CA SER A 106 -33.61 -14.29 -24.58
C SER A 106 -34.23 -13.24 -25.50
N GLN A 107 -35.53 -13.41 -25.71
CA GLN A 107 -36.31 -12.50 -26.54
C GLN A 107 -36.46 -11.14 -25.86
N ALA A 108 -36.56 -11.15 -24.53
CA ALA A 108 -36.64 -9.91 -23.77
C ALA A 108 -35.31 -9.13 -23.81
N HIS A 109 -34.21 -9.89 -23.76
CA HIS A 109 -32.85 -9.35 -23.85
C HIS A 109 -32.59 -8.69 -25.21
N GLU A 110 -32.86 -9.42 -26.30
CA GLU A 110 -32.67 -8.88 -27.64
C GLU A 110 -33.62 -7.70 -27.94
N GLU A 111 -34.85 -7.79 -27.42
CA GLU A 111 -35.81 -6.70 -27.57
C GLU A 111 -35.36 -5.43 -26.86
N ARG A 112 -34.89 -5.59 -25.63
CA ARG A 112 -34.39 -4.47 -24.86
C ARG A 112 -33.23 -3.77 -25.56
N LEU A 113 -32.43 -4.52 -26.30
CA LEU A 113 -31.30 -3.96 -27.03
C LEU A 113 -31.78 -3.11 -28.18
N GLN A 114 -32.76 -3.62 -28.92
CA GLN A 114 -33.34 -2.89 -30.03
C GLN A 114 -33.98 -1.59 -29.54
N GLU A 115 -34.57 -1.68 -28.35
CA GLU A 115 -35.23 -0.55 -27.71
C GLU A 115 -34.23 0.57 -27.34
N VAL A 116 -33.13 0.17 -26.70
CA VAL A 116 -32.07 1.10 -26.35
C VAL A 116 -31.44 1.74 -27.60
N GLU A 117 -31.21 0.93 -28.63
CA GLU A 117 -30.59 1.39 -29.87
C GLU A 117 -31.46 2.38 -30.63
N ALA A 118 -32.75 2.06 -30.74
CA ALA A 118 -33.70 2.97 -31.36
C ALA A 118 -33.78 4.26 -30.56
N GLU A 119 -33.74 4.14 -29.22
CA GLU A 119 -33.85 5.30 -28.35
C GLU A 119 -32.69 6.27 -28.57
N VAL A 120 -31.49 5.72 -28.67
CA VAL A 120 -30.30 6.53 -28.91
C VAL A 120 -30.36 7.11 -30.32
N ALA A 121 -30.86 6.30 -31.25
CA ALA A 121 -30.95 6.71 -32.65
C ALA A 121 -31.83 7.93 -32.85
N SER A 122 -32.78 8.17 -31.95
CA SER A 122 -33.67 9.31 -32.09
C SER A 122 -33.38 10.49 -31.15
N THR A 123 -32.87 10.20 -29.96
CA THR A 123 -32.71 11.25 -28.95
C THR A 123 -31.24 11.52 -28.61
N GLY A 124 -30.35 10.63 -29.04
CA GLY A 124 -28.94 10.78 -28.76
C GLY A 124 -28.56 10.07 -27.48
N THR A 125 -29.55 9.88 -26.62
CA THR A 125 -29.37 9.21 -25.33
C THR A 125 -30.39 8.08 -25.19
N TYR A 126 -30.39 7.43 -24.03
CA TYR A 126 -31.46 6.50 -23.68
C TYR A 126 -31.73 6.52 -22.17
N HIS A 127 -32.78 5.81 -21.75
CA HIS A 127 -33.14 5.74 -20.34
C HIS A 127 -33.16 4.32 -19.76
N LEU A 128 -32.81 4.20 -18.49
CA LEU A 128 -32.77 2.93 -17.81
C LEU A 128 -34.11 2.61 -17.16
N ARG A 129 -34.47 1.34 -17.16
CA ARG A 129 -35.61 0.88 -16.41
C ARG A 129 -35.23 0.91 -14.94
N GLU A 130 -36.21 0.84 -14.07
CA GLU A 130 -35.96 0.95 -12.63
C GLU A 130 -35.02 -0.14 -12.11
N SER A 131 -35.31 -1.40 -12.44
CA SER A 131 -34.51 -2.52 -11.96
C SER A 131 -33.12 -2.53 -12.59
N GLU A 132 -33.00 -1.96 -13.79
CA GLU A 132 -31.68 -1.77 -14.37
C GLU A 132 -30.88 -0.75 -13.55
N LEU A 133 -31.54 0.30 -13.07
CA LEU A 133 -30.84 1.31 -12.27
C LEU A 133 -30.40 0.69 -10.95
N VAL A 134 -31.30 -0.06 -10.31
CA VAL A 134 -30.94 -0.82 -9.12
C VAL A 134 -29.73 -1.74 -9.33
N PHE A 135 -29.73 -2.50 -10.42
CA PHE A 135 -28.66 -3.47 -10.64
C PHE A 135 -27.33 -2.75 -10.87
N GLY A 136 -27.38 -1.68 -11.65
CA GLY A 136 -26.21 -0.87 -11.93
C GLY A 136 -25.61 -0.21 -10.69
N ALA A 137 -26.46 0.39 -9.87
CA ALA A 137 -25.99 1.06 -8.65
C ALA A 137 -25.24 0.08 -7.75
N LYS A 138 -25.83 -1.10 -7.58
CA LYS A 138 -25.22 -2.17 -6.82
C LYS A 138 -23.93 -2.67 -7.48
N GLN A 139 -23.92 -2.69 -8.81
CA GLN A 139 -22.75 -3.17 -9.53
C GLN A 139 -21.61 -2.15 -9.50
N ALA A 140 -21.95 -0.85 -9.55
CA ALA A 140 -20.93 0.20 -9.35
C ALA A 140 -20.23 0.12 -7.99
N TRP A 141 -21.00 -0.15 -6.93
CA TRP A 141 -20.41 -0.38 -5.62
C TRP A 141 -19.51 -1.61 -5.63
N ARG A 142 -20.05 -2.70 -6.15
CA ARG A 142 -19.36 -3.97 -6.22
C ARG A 142 -18.06 -3.82 -6.99
N ASN A 143 -18.07 -2.95 -7.99
CA ASN A 143 -16.88 -2.74 -8.80
C ASN A 143 -15.83 -1.80 -8.23
N ALA A 144 -16.14 -1.11 -7.12
CA ALA A 144 -15.29 -0.05 -6.56
C ALA A 144 -14.03 -0.60 -5.89
N PRO A 145 -12.90 -0.47 -6.57
CA PRO A 145 -11.66 -1.13 -6.14
C PRO A 145 -11.13 -0.64 -4.79
N ARG A 146 -11.47 0.58 -4.40
CA ARG A 146 -10.91 1.18 -3.19
C ARG A 146 -11.76 0.92 -1.97
N CYS A 147 -12.91 0.30 -2.16
CA CYS A 147 -13.86 0.07 -1.07
C CYS A 147 -13.73 -1.29 -0.40
N VAL A 148 -13.37 -1.24 0.87
CA VAL A 148 -13.21 -2.43 1.69
C VAL A 148 -14.53 -2.94 2.24
N GLY A 149 -15.60 -2.17 2.07
CA GLY A 149 -16.90 -2.56 2.59
C GLY A 149 -17.78 -3.38 1.64
N ARG A 150 -17.21 -3.83 0.53
CA ARG A 150 -17.99 -4.46 -0.54
C ARG A 150 -18.69 -5.79 -0.22
N ILE A 151 -18.34 -6.44 0.89
CA ILE A 151 -19.09 -7.62 1.36
C ILE A 151 -20.59 -7.31 1.45
N GLN A 152 -20.94 -6.04 1.61
CA GLN A 152 -22.32 -5.62 1.78
C GLN A 152 -22.99 -5.24 0.46
N TRP A 153 -22.25 -5.32 -0.65
CA TRP A 153 -22.70 -4.72 -1.92
C TRP A 153 -24.14 -5.08 -2.36
N GLY A 154 -24.60 -6.26 -1.98
CA GLY A 154 -25.96 -6.68 -2.29
C GLY A 154 -27.05 -5.97 -1.50
N LYS A 155 -26.76 -5.59 -0.26
CA LYS A 155 -27.72 -4.83 0.56
C LYS A 155 -27.50 -3.33 0.39
N LEU A 156 -28.07 -2.77 -0.66
CA LEU A 156 -27.96 -1.36 -0.96
C LEU A 156 -29.35 -0.90 -1.30
N GLN A 157 -29.88 0.05 -0.55
CA GLN A 157 -31.19 0.57 -0.85
C GLN A 157 -31.07 1.63 -1.94
N VAL A 158 -31.76 1.45 -3.06
CA VAL A 158 -31.68 2.42 -4.13
C VAL A 158 -32.94 3.26 -4.20
N PHE A 159 -32.80 4.56 -3.91
CA PHE A 159 -33.89 5.50 -4.07
C PHE A 159 -33.84 6.13 -5.44
N ASP A 160 -34.91 5.99 -6.20
CA ASP A 160 -34.96 6.61 -7.51
C ASP A 160 -35.44 8.04 -7.36
N ALA A 161 -34.63 8.99 -7.79
CA ALA A 161 -35.01 10.41 -7.73
C ALA A 161 -34.82 11.07 -9.10
N ARG A 162 -35.00 10.29 -10.15
CA ARG A 162 -34.90 10.79 -11.52
C ARG A 162 -36.08 11.64 -11.96
N ASP A 163 -37.00 11.90 -11.04
CA ASP A 163 -38.13 12.81 -11.31
C ASP A 163 -37.85 14.22 -10.79
N CYS A 164 -36.82 14.33 -9.96
CA CYS A 164 -36.45 15.59 -9.33
C CYS A 164 -36.27 16.71 -10.34
N SER A 165 -36.92 17.85 -10.09
CA SER A 165 -36.85 18.95 -11.05
C SER A 165 -36.48 20.30 -10.42
N SER A 166 -36.17 20.29 -9.13
CA SER A 166 -35.73 21.52 -8.49
C SER A 166 -34.63 21.26 -7.46
N ALA A 167 -33.97 22.34 -7.03
CA ALA A 167 -32.98 22.27 -5.97
C ALA A 167 -33.65 22.08 -4.61
N GLN A 168 -34.84 22.64 -4.44
CA GLN A 168 -35.61 22.38 -3.23
C GLN A 168 -35.97 20.90 -3.17
N GLU A 169 -36.37 20.34 -4.30
CA GLU A 169 -36.67 18.90 -4.34
C GLU A 169 -35.47 18.02 -3.99
N MET A 170 -34.29 18.37 -4.52
CA MET A 170 -33.07 17.64 -4.13
C MET A 170 -32.86 17.65 -2.62
N PHE A 171 -33.25 18.75 -1.98
CA PHE A 171 -33.07 18.84 -0.56
C PHE A 171 -33.96 17.84 0.18
N THR A 172 -35.21 17.72 -0.26
CA THR A 172 -36.14 16.75 0.33
C THR A 172 -35.65 15.31 0.20
N TYR A 173 -35.30 14.92 -1.03
CA TYR A 173 -34.68 13.61 -1.27
C TYR A 173 -33.50 13.34 -0.34
N ILE A 174 -32.54 14.25 -0.33
CA ILE A 174 -31.37 14.16 0.56
C ILE A 174 -31.76 13.96 2.04
N CYS A 175 -32.68 14.79 2.54
CA CYS A 175 -33.16 14.70 3.91
C CYS A 175 -33.76 13.33 4.19
N ASN A 176 -34.61 12.89 3.28
CA ASN A 176 -35.15 11.52 3.32
C ASN A 176 -34.05 10.46 3.35
N HIS A 177 -33.03 10.63 2.52
CA HIS A 177 -31.93 9.68 2.46
C HIS A 177 -31.29 9.61 3.83
N ILE A 178 -30.90 10.78 4.36
CA ILE A 178 -30.26 10.88 5.68
C ILE A 178 -31.10 10.25 6.78
N LYS A 179 -32.40 10.56 6.80
CA LYS A 179 -33.32 9.92 7.73
C LYS A 179 -33.32 8.39 7.58
N TYR A 180 -33.55 7.90 6.37
CA TYR A 180 -33.58 6.45 6.14
C TYR A 180 -32.23 5.79 6.46
N ALA A 181 -31.17 6.37 5.93
CA ALA A 181 -29.85 5.75 6.04
C ALA A 181 -29.34 5.74 7.49
N THR A 182 -29.73 6.75 8.25
CA THR A 182 -29.24 6.91 9.62
C THR A 182 -29.97 5.98 10.55
N ASN A 183 -31.29 6.00 10.44
CA ASN A 183 -32.14 5.04 11.12
C ASN A 183 -31.82 4.93 12.61
N ARG A 184 -31.78 6.09 13.26
CA ARG A 184 -31.51 6.23 14.69
C ARG A 184 -30.24 5.52 15.14
N GLY A 185 -29.27 5.40 14.25
CA GLY A 185 -28.02 4.79 14.63
C GLY A 185 -27.82 3.38 14.13
N ASN A 186 -28.89 2.72 13.69
CA ASN A 186 -28.76 1.40 13.04
C ASN A 186 -28.62 1.56 11.53
N LEU A 187 -27.40 1.88 11.11
CA LEU A 187 -27.18 2.42 9.78
C LEU A 187 -27.52 1.46 8.63
N ARG A 188 -27.91 2.04 7.50
CA ARG A 188 -28.34 1.27 6.33
C ARG A 188 -27.78 1.89 5.06
N SER A 189 -27.03 1.10 4.29
CA SER A 189 -26.49 1.54 3.02
C SER A 189 -27.60 2.05 2.08
N ALA A 190 -27.38 3.22 1.50
CA ALA A 190 -28.34 3.76 0.55
C ALA A 190 -27.69 4.68 -0.47
N ILE A 191 -28.39 4.86 -1.58
CA ILE A 191 -27.99 5.81 -2.60
C ILE A 191 -29.26 6.44 -3.16
N THR A 192 -29.15 7.70 -3.57
CA THR A 192 -30.28 8.43 -4.13
C THR A 192 -29.83 8.96 -5.49
N VAL A 193 -30.52 8.53 -6.55
CA VAL A 193 -30.12 8.86 -7.92
C VAL A 193 -30.99 9.96 -8.55
N PHE A 194 -30.36 11.09 -8.88
CA PHE A 194 -31.02 12.24 -9.50
C PHE A 194 -30.89 12.17 -11.02
N PRO A 195 -31.57 13.06 -11.76
CA PRO A 195 -31.53 12.93 -13.23
C PRO A 195 -30.14 12.89 -13.89
N GLN A 196 -30.00 12.02 -14.87
CA GLN A 196 -28.76 11.83 -15.59
C GLN A 196 -28.38 13.09 -16.35
N ARG A 197 -27.10 13.20 -16.73
CA ARG A 197 -26.67 14.21 -17.68
C ARG A 197 -27.56 14.18 -18.91
N ALA A 198 -27.90 15.36 -19.41
CA ALA A 198 -28.73 15.47 -20.59
C ALA A 198 -28.09 16.42 -21.60
N PRO A 199 -28.09 16.03 -22.88
CA PRO A 199 -27.55 16.83 -23.98
C PRO A 199 -28.07 18.27 -23.96
N GLY A 200 -27.16 19.23 -23.94
CA GLY A 200 -27.53 20.63 -23.92
C GLY A 200 -28.48 20.96 -22.79
N ARG A 201 -28.05 20.70 -21.56
CA ARG A 201 -28.83 20.98 -20.35
C ARG A 201 -27.85 20.88 -19.18
N GLY A 202 -28.09 21.64 -18.12
CA GLY A 202 -27.13 21.71 -17.03
C GLY A 202 -27.21 20.48 -16.15
N ASP A 203 -26.12 20.17 -15.47
CA ASP A 203 -26.11 19.00 -14.58
C ASP A 203 -26.94 19.20 -13.33
N PHE A 204 -27.24 18.11 -12.66
CA PHE A 204 -27.65 18.17 -11.27
C PHE A 204 -26.36 17.93 -10.51
N ARG A 205 -25.97 18.87 -9.67
CA ARG A 205 -24.75 18.69 -8.88
C ARG A 205 -24.97 19.01 -7.41
N ILE A 206 -24.55 18.12 -6.53
CA ILE A 206 -24.29 18.49 -5.16
C ILE A 206 -22.85 19.01 -5.10
N TRP A 207 -22.69 20.23 -4.60
CA TRP A 207 -21.37 20.87 -4.53
C TRP A 207 -20.50 20.30 -3.41
N ASN A 208 -21.07 20.01 -2.25
CA ASN A 208 -20.31 19.40 -1.16
C ASN A 208 -19.87 17.97 -1.47
N SER A 209 -18.76 17.57 -0.85
CA SER A 209 -18.12 16.28 -1.10
C SER A 209 -18.76 15.21 -0.23
N GLN A 210 -19.30 15.62 0.91
CA GLN A 210 -20.14 14.76 1.71
C GLN A 210 -21.39 15.53 2.12
N LEU A 211 -22.43 14.79 2.51
CA LEU A 211 -23.66 15.44 2.92
C LEU A 211 -23.44 16.10 4.28
N VAL A 212 -22.57 15.51 5.07
CA VAL A 212 -22.21 16.05 6.37
C VAL A 212 -20.73 16.36 6.40
N ARG A 213 -20.40 17.61 6.73
CA ARG A 213 -19.03 18.10 6.73
C ARG A 213 -18.87 19.23 7.76
N TYR A 214 -17.82 19.17 8.57
CA TYR A 214 -17.51 20.29 9.45
C TYR A 214 -16.81 21.41 8.70
N ALA A 215 -17.14 22.64 9.09
CA ALA A 215 -16.59 23.84 8.46
C ALA A 215 -15.09 23.97 8.70
N GLY A 216 -14.42 24.62 7.75
CA GLY A 216 -13.02 24.92 7.87
C GLY A 216 -12.86 26.42 7.76
N TYR A 217 -12.48 27.06 8.87
CA TYR A 217 -12.34 28.51 8.92
C TYR A 217 -10.87 28.92 8.92
N ARG A 218 -10.42 29.48 7.81
CA ARG A 218 -9.06 30.00 7.76
C ARG A 218 -8.96 31.17 8.72
N GLN A 219 -8.03 31.06 9.67
CA GLN A 219 -7.84 32.09 10.68
C GLN A 219 -6.98 33.22 10.16
N GLN A 220 -6.96 34.35 10.87
CA GLN A 220 -6.14 35.48 10.47
C GLN A 220 -4.66 35.20 10.70
N ASP A 221 -4.37 34.32 11.65
CA ASP A 221 -3.00 33.90 11.90
C ASP A 221 -2.57 32.73 11.03
N GLY A 222 -3.14 32.63 9.84
CA GLY A 222 -2.75 31.62 8.85
C GLY A 222 -3.32 30.23 9.08
N SER A 223 -3.58 29.88 10.34
CA SER A 223 -4.03 28.55 10.71
C SER A 223 -5.50 28.35 10.32
N VAL A 224 -6.01 27.16 10.61
CA VAL A 224 -7.37 26.80 10.24
C VAL A 224 -8.19 26.27 11.42
N ARG A 225 -9.37 26.87 11.62
CA ARG A 225 -10.29 26.38 12.63
C ARG A 225 -11.35 25.46 12.00
N GLY A 226 -11.44 24.25 12.53
CA GLY A 226 -12.36 23.24 12.04
C GLY A 226 -11.60 22.21 11.22
N ASP A 227 -12.15 21.87 10.07
CA ASP A 227 -11.55 20.86 9.21
C ASP A 227 -10.88 21.52 8.02
N PRO A 228 -9.54 21.49 7.98
CA PRO A 228 -8.78 22.07 6.87
C PRO A 228 -9.19 21.50 5.52
N ALA A 229 -9.70 20.26 5.50
CA ALA A 229 -10.18 19.64 4.26
C ALA A 229 -11.30 20.44 3.61
N ASN A 230 -12.00 21.25 4.41
CA ASN A 230 -13.22 21.89 3.93
C ASN A 230 -13.16 23.41 3.83
N VAL A 231 -11.96 23.94 3.67
CA VAL A 231 -11.80 25.38 3.63
C VAL A 231 -12.50 25.94 2.39
N GLU A 232 -12.33 25.26 1.27
CA GLU A 232 -12.87 25.77 0.01
C GLU A 232 -14.39 25.70 -0.03
N ILE A 233 -14.96 24.60 0.45
CA ILE A 233 -16.41 24.47 0.46
C ILE A 233 -17.03 25.40 1.51
N THR A 234 -16.29 25.68 2.58
CA THR A 234 -16.77 26.66 3.56
C THR A 234 -16.88 28.06 2.95
N GLU A 235 -15.81 28.49 2.29
CA GLU A 235 -15.79 29.81 1.68
C GLU A 235 -16.82 29.92 0.54
N LEU A 236 -17.09 28.80 -0.13
CA LEU A 236 -18.10 28.80 -1.18
C LEU A 236 -19.48 29.01 -0.56
N CYS A 237 -19.71 28.42 0.61
CA CYS A 237 -20.98 28.56 1.30
C CYS A 237 -21.17 30.01 1.76
N ILE A 238 -20.07 30.64 2.14
CA ILE A 238 -20.10 32.03 2.57
C ILE A 238 -20.42 32.96 1.40
N GLN A 239 -19.62 32.92 0.34
CA GLN A 239 -19.87 33.69 -0.88
C GLN A 239 -21.33 33.58 -1.34
N HIS A 240 -21.96 32.46 -1.02
CA HIS A 240 -23.35 32.21 -1.37
C HIS A 240 -24.32 32.54 -0.24
N GLY A 241 -23.83 33.29 0.75
CA GLY A 241 -24.69 33.85 1.79
C GLY A 241 -25.00 33.01 3.02
N TRP A 242 -24.12 32.09 3.37
CA TRP A 242 -24.29 31.38 4.64
C TRP A 242 -23.71 32.22 5.77
N THR A 243 -24.47 32.39 6.86
CA THR A 243 -23.89 33.03 8.02
C THR A 243 -23.07 32.02 8.81
N PRO A 244 -21.74 32.21 8.78
CA PRO A 244 -20.77 31.20 9.20
C PRO A 244 -20.57 31.20 10.71
N GLY A 245 -20.24 30.04 11.28
CA GLY A 245 -20.00 29.95 12.71
C GLY A 245 -18.54 30.19 13.05
N ASN A 246 -18.09 29.57 14.14
CA ASN A 246 -16.68 29.65 14.50
C ASN A 246 -16.31 28.49 15.42
N GLY A 247 -16.98 27.36 15.24
CA GLY A 247 -16.70 26.17 16.01
C GLY A 247 -15.67 25.28 15.32
N ARG A 248 -15.28 24.20 15.99
CA ARG A 248 -14.37 23.23 15.40
C ARG A 248 -15.17 22.20 14.62
N PHE A 249 -16.48 22.17 14.90
CA PHE A 249 -17.37 21.12 14.46
C PHE A 249 -18.71 21.64 13.96
N ASP A 250 -18.68 22.69 13.16
CA ASP A 250 -19.91 23.29 12.64
C ASP A 250 -20.37 22.58 11.36
N VAL A 251 -21.61 22.11 11.36
CA VAL A 251 -22.14 21.45 10.16
C VAL A 251 -22.41 22.46 9.04
N LEU A 252 -21.84 22.18 7.88
CA LEU A 252 -21.97 23.05 6.73
C LEU A 252 -23.37 22.95 6.11
N PRO A 253 -23.83 24.03 5.49
CA PRO A 253 -25.05 23.91 4.70
C PRO A 253 -24.76 23.17 3.40
N LEU A 254 -25.80 22.73 2.72
CA LEU A 254 -25.66 22.09 1.43
C LEU A 254 -25.74 23.11 0.32
N LEU A 255 -24.94 22.94 -0.71
CA LEU A 255 -25.07 23.76 -1.91
C LEU A 255 -25.59 22.83 -2.98
N LEU A 256 -26.88 22.96 -3.28
CA LEU A 256 -27.53 22.10 -4.25
C LEU A 256 -27.75 22.83 -5.55
N GLN A 257 -27.48 22.16 -6.66
CA GLN A 257 -27.55 22.81 -7.96
C GLN A 257 -28.42 22.04 -8.95
N ALA A 258 -29.56 22.65 -9.27
CA ALA A 258 -30.46 22.18 -10.30
C ALA A 258 -29.97 22.73 -11.64
N PRO A 259 -30.30 22.05 -12.75
CA PRO A 259 -29.80 22.38 -14.10
C PRO A 259 -29.93 23.85 -14.51
N ASP A 260 -28.84 24.40 -15.04
CA ASP A 260 -28.80 25.76 -15.56
C ASP A 260 -29.21 26.82 -14.55
N GLU A 261 -29.08 26.49 -13.26
CA GLU A 261 -29.34 27.45 -12.20
C GLU A 261 -28.19 27.48 -11.21
N ALA A 262 -28.06 28.61 -10.53
CA ALA A 262 -27.02 28.80 -9.53
C ALA A 262 -27.32 27.86 -8.37
N PRO A 263 -26.31 27.53 -7.56
CA PRO A 263 -26.59 26.67 -6.41
C PRO A 263 -27.41 27.38 -5.36
N GLU A 264 -28.43 26.74 -4.80
CA GLU A 264 -29.11 27.29 -3.65
C GLU A 264 -28.59 26.65 -2.38
N LEU A 265 -28.81 27.31 -1.27
CA LEU A 265 -28.21 26.95 -0.01
C LEU A 265 -29.26 26.36 0.90
N PHE A 266 -28.98 25.19 1.45
CA PHE A 266 -29.91 24.57 2.38
C PHE A 266 -29.22 24.17 3.68
N VAL A 267 -29.83 24.54 4.79
CA VAL A 267 -29.31 24.17 6.10
C VAL A 267 -29.97 22.90 6.62
N LEU A 268 -29.17 21.87 6.89
CA LEU A 268 -29.69 20.64 7.48
C LEU A 268 -30.19 20.89 8.90
N PRO A 269 -31.41 20.42 9.19
CA PRO A 269 -31.97 20.44 10.55
C PRO A 269 -31.14 19.52 11.43
N PRO A 270 -30.69 20.02 12.57
CA PRO A 270 -29.68 19.35 13.41
C PRO A 270 -30.07 17.93 13.85
N GLU A 271 -31.35 17.70 14.12
CA GLU A 271 -31.76 16.41 14.66
C GLU A 271 -31.61 15.31 13.62
N LEU A 272 -31.59 15.71 12.35
CA LEU A 272 -31.39 14.77 11.26
C LEU A 272 -29.95 14.29 11.20
N VAL A 273 -29.03 15.13 11.68
CA VAL A 273 -27.59 14.89 11.62
C VAL A 273 -27.11 14.27 12.92
N LEU A 274 -27.07 12.95 12.99
CA LEU A 274 -26.68 12.29 14.23
C LEU A 274 -25.17 12.36 14.46
N GLU A 275 -24.78 12.80 15.65
CA GLU A 275 -23.37 12.89 16.00
C GLU A 275 -23.03 12.06 17.23
N VAL A 276 -21.76 11.72 17.35
CA VAL A 276 -21.26 10.90 18.45
C VAL A 276 -20.14 11.65 19.16
N PRO A 277 -20.35 12.00 20.45
CA PRO A 277 -19.27 12.56 21.27
C PRO A 277 -18.24 11.51 21.61
N LEU A 278 -16.97 11.88 21.53
CA LEU A 278 -15.89 10.93 21.75
C LEU A 278 -15.40 10.95 23.19
N GLU A 279 -15.59 9.83 23.88
CA GLU A 279 -14.92 9.58 25.14
C GLU A 279 -14.04 8.35 24.98
N HIS A 280 -13.17 8.11 25.95
CA HIS A 280 -12.28 6.94 25.96
C HIS A 280 -12.72 6.01 27.09
N PRO A 281 -12.58 4.69 26.92
CA PRO A 281 -13.13 3.81 27.95
C PRO A 281 -12.38 3.85 29.29
N THR A 282 -11.10 4.20 29.30
CA THR A 282 -10.38 4.31 30.57
C THR A 282 -9.57 5.59 30.81
N LEU A 283 -9.45 6.44 29.80
CA LEU A 283 -8.71 7.68 29.93
C LEU A 283 -9.74 8.78 30.13
N GLU A 284 -10.08 9.03 31.40
CA GLU A 284 -11.25 9.81 31.73
C GLU A 284 -11.28 11.21 31.13
N TRP A 285 -10.08 11.76 30.90
CA TRP A 285 -9.91 13.12 30.41
C TRP A 285 -10.26 13.26 28.93
N PHE A 286 -10.32 12.14 28.23
CA PHE A 286 -10.49 12.19 26.77
C PHE A 286 -11.79 12.87 26.42
N ALA A 287 -12.84 12.60 27.19
CA ALA A 287 -14.13 13.27 26.99
C ALA A 287 -13.98 14.79 27.08
N ALA A 288 -13.06 15.26 27.90
CA ALA A 288 -12.89 16.71 28.07
C ALA A 288 -12.33 17.40 26.83
N LEU A 289 -11.70 16.64 25.95
CA LEU A 289 -11.20 17.16 24.68
C LEU A 289 -12.31 17.72 23.77
N GLY A 290 -13.56 17.34 24.05
CA GLY A 290 -14.71 17.84 23.33
C GLY A 290 -14.73 17.48 21.86
N LEU A 291 -14.07 16.39 21.49
CA LEU A 291 -14.10 15.90 20.10
C LEU A 291 -15.40 15.13 19.76
N ARG A 292 -15.83 15.24 18.51
CA ARG A 292 -17.00 14.52 18.06
C ARG A 292 -16.87 14.09 16.59
N TRP A 293 -17.70 13.15 16.16
CA TRP A 293 -17.81 12.87 14.75
C TRP A 293 -19.24 12.53 14.40
N TYR A 294 -19.59 12.69 13.12
CA TYR A 294 -20.94 12.37 12.70
C TYR A 294 -21.09 10.89 12.30
N ALA A 295 -22.29 10.38 12.49
CA ALA A 295 -22.53 8.97 12.28
C ALA A 295 -22.45 8.57 10.80
N LEU A 296 -22.98 9.42 9.92
CA LEU A 296 -23.24 9.00 8.54
C LEU A 296 -22.22 9.51 7.52
N PRO A 297 -21.50 8.57 6.87
CA PRO A 297 -20.60 8.95 5.78
C PRO A 297 -21.32 8.86 4.45
N ALA A 298 -21.56 10.03 3.87
CA ALA A 298 -22.45 10.18 2.74
C ALA A 298 -21.74 10.95 1.62
N VAL A 299 -21.11 10.21 0.72
CA VAL A 299 -20.30 10.85 -0.30
C VAL A 299 -21.18 11.34 -1.45
N SER A 300 -20.93 12.58 -1.86
CA SER A 300 -21.94 13.26 -2.64
C SER A 300 -21.41 13.95 -3.88
N ASN A 301 -20.12 13.80 -4.13
CA ASN A 301 -19.55 14.46 -5.30
C ASN A 301 -19.10 13.47 -6.37
N MET A 302 -19.39 12.19 -6.16
CA MET A 302 -18.96 11.17 -7.13
C MET A 302 -19.97 10.99 -8.27
N LEU A 303 -19.45 10.83 -9.46
CA LEU A 303 -20.29 10.54 -10.63
C LEU A 303 -20.59 9.05 -10.72
N LEU A 304 -21.86 8.68 -10.84
CA LEU A 304 -22.25 7.26 -11.04
C LEU A 304 -22.44 6.97 -12.53
N GLU A 305 -21.59 6.15 -13.10
CA GLU A 305 -21.68 5.84 -14.53
C GLU A 305 -22.22 4.42 -14.78
N ILE A 306 -23.29 4.33 -15.57
CA ILE A 306 -23.94 3.05 -15.90
C ILE A 306 -24.33 3.00 -17.39
N GLY A 307 -23.69 2.11 -18.14
CA GLY A 307 -23.99 1.95 -19.55
C GLY A 307 -23.82 3.23 -20.36
N GLY A 308 -22.78 3.99 -20.03
CA GLY A 308 -22.48 5.22 -20.72
C GLY A 308 -23.37 6.36 -20.27
N LEU A 309 -24.33 6.07 -19.40
CA LEU A 309 -25.16 7.12 -18.80
C LEU A 309 -24.44 7.71 -17.60
N GLU A 310 -24.48 9.02 -17.46
CA GLU A 310 -23.77 9.68 -16.38
C GLU A 310 -24.72 10.34 -15.39
N PHE A 311 -24.74 9.83 -14.17
CA PHE A 311 -25.48 10.48 -13.09
C PHE A 311 -24.54 11.36 -12.24
N SER A 312 -24.55 12.65 -12.57
CA SER A 312 -23.70 13.66 -11.91
C SER A 312 -24.04 13.90 -10.42
N ALA A 313 -25.28 13.68 -10.02
CA ALA A 313 -25.65 13.74 -8.61
C ALA A 313 -26.31 12.44 -8.20
N ALA A 314 -25.63 11.71 -7.33
CA ALA A 314 -26.10 10.41 -6.87
C ALA A 314 -25.42 10.07 -5.56
N PRO A 315 -25.75 10.80 -4.48
CA PRO A 315 -25.05 10.57 -3.20
C PRO A 315 -25.33 9.18 -2.65
N PHE A 316 -24.30 8.57 -2.06
CA PHE A 316 -24.50 7.31 -1.37
C PHE A 316 -23.89 7.33 0.02
N SER A 317 -24.31 6.40 0.85
CA SER A 317 -23.90 6.36 2.24
C SER A 317 -23.78 4.92 2.70
N GLY A 318 -22.92 4.70 3.68
CA GLY A 318 -22.75 3.40 4.30
C GLY A 318 -22.63 3.61 5.80
N TRP A 319 -21.66 2.97 6.42
CA TRP A 319 -21.22 3.34 7.76
C TRP A 319 -19.70 3.43 7.73
N TYR A 320 -19.13 3.97 8.81
CA TYR A 320 -17.70 4.23 8.87
C TYR A 320 -16.93 2.97 9.23
N MET A 321 -15.71 2.88 8.73
CA MET A 321 -14.71 2.04 9.38
C MET A 321 -13.91 2.96 10.32
N SER A 322 -13.61 2.47 11.52
CA SER A 322 -13.15 3.30 12.61
C SER A 322 -11.87 4.11 12.32
N THR A 323 -10.94 3.54 11.58
CA THR A 323 -9.72 4.26 11.24
C THR A 323 -9.97 5.46 10.33
N GLU A 324 -11.08 5.48 9.60
CA GLU A 324 -11.40 6.67 8.81
C GLU A 324 -11.50 7.91 9.71
N ILE A 325 -12.07 7.73 10.89
CA ILE A 325 -12.31 8.82 11.83
C ILE A 325 -11.12 8.94 12.76
N GLY A 326 -10.77 7.81 13.37
CA GLY A 326 -9.71 7.78 14.38
C GLY A 326 -8.32 8.09 13.85
N THR A 327 -8.07 7.77 12.59
CA THR A 327 -6.73 7.94 12.05
C THR A 327 -6.61 9.06 11.02
N ARG A 328 -7.40 8.99 9.95
CA ARG A 328 -7.32 9.98 8.88
C ARG A 328 -7.87 11.33 9.35
N ASN A 329 -9.16 11.38 9.70
CA ASN A 329 -9.83 12.66 10.00
C ASN A 329 -9.30 13.37 11.24
N LEU A 330 -9.01 12.62 12.28
CA LEU A 330 -8.52 13.17 13.54
C LEU A 330 -6.98 13.32 13.65
N CYS A 331 -6.21 12.40 13.07
CA CYS A 331 -4.74 12.46 13.17
C CYS A 331 -3.91 12.83 11.93
N ASP A 332 -4.52 13.06 10.77
CA ASP A 332 -3.72 13.48 9.62
C ASP A 332 -3.15 14.82 9.96
N PRO A 333 -1.90 15.06 9.55
CA PRO A 333 -1.31 16.38 9.81
C PRO A 333 -2.18 17.46 9.19
N HIS A 334 -2.61 17.24 7.95
CA HIS A 334 -3.41 18.20 7.21
C HIS A 334 -4.93 18.11 7.52
N ARG A 335 -5.29 17.44 8.61
CA ARG A 335 -6.68 17.43 9.08
C ARG A 335 -6.78 18.00 10.50
N TYR A 336 -7.45 17.32 11.43
CA TYR A 336 -7.59 17.88 12.78
C TYR A 336 -6.26 17.86 13.53
N ASN A 337 -5.42 16.90 13.18
CA ASN A 337 -4.06 16.87 13.69
C ASN A 337 -3.99 16.94 15.21
N ILE A 338 -4.66 16.02 15.87
CA ILE A 338 -4.79 16.05 17.32
C ILE A 338 -3.82 15.08 18.01
N LEU A 339 -2.91 14.53 17.23
CA LEU A 339 -2.00 13.49 17.71
C LEU A 339 -1.11 14.00 18.84
N GLU A 340 -0.52 15.19 18.66
CA GLU A 340 0.30 15.82 19.69
C GLU A 340 -0.54 16.09 20.94
N ASP A 341 -1.71 16.70 20.77
CA ASP A 341 -2.59 16.99 21.89
C ASP A 341 -2.84 15.76 22.75
N VAL A 342 -3.34 14.69 22.15
CA VAL A 342 -3.61 13.45 22.88
C VAL A 342 -2.35 12.87 23.51
N ALA A 343 -1.26 12.92 22.76
CA ALA A 343 0.02 12.43 23.26
C ALA A 343 0.48 13.18 24.51
N VAL A 344 0.39 14.50 24.50
CA VAL A 344 0.69 15.27 25.71
C VAL A 344 -0.18 14.83 26.90
N CAS A 345 -1.50 14.77 26.70
CA CAS A 345 -2.40 14.35 27.77
CB CAS A 345 -3.87 14.34 27.28
C CAS A 345 -2.07 12.98 28.32
O CAS A 345 -2.35 12.68 29.47
SG CAS A 345 -4.42 15.92 26.61
AS CAS A 345 -5.37 16.81 28.63
CE1 CAS A 345 -6.73 18.10 27.95
CE2 CAS A 345 -3.57 17.42 29.16
N MET A 346 -1.46 12.14 27.47
CA MET A 346 -1.07 10.81 27.89
C MET A 346 0.30 10.78 28.53
N ASP A 347 0.96 11.94 28.54
CA ASP A 347 2.29 12.07 29.11
C ASP A 347 3.35 11.23 28.34
N LEU A 348 3.35 11.32 27.02
CA LEU A 348 4.32 10.56 26.25
C LEU A 348 5.53 11.41 25.89
N ASP A 349 6.63 10.75 25.55
CA ASP A 349 7.85 11.46 25.20
C ASP A 349 7.77 11.89 23.74
N THR A 350 7.27 13.11 23.50
CA THR A 350 7.03 13.56 22.13
C THR A 350 8.23 14.22 21.48
N ARG A 351 9.35 14.23 22.20
CA ARG A 351 10.57 14.85 21.69
C ARG A 351 11.36 13.87 20.84
N THR A 352 10.94 12.61 20.85
CA THR A 352 11.67 11.60 20.08
C THR A 352 10.78 10.54 19.40
N THR A 353 11.07 10.29 18.13
CA THR A 353 10.31 9.35 17.33
C THR A 353 10.24 7.98 17.98
N SER A 354 11.37 7.54 18.53
CA SER A 354 11.49 6.15 18.96
C SER A 354 10.71 5.79 20.23
N SER A 355 10.03 6.78 20.83
CA SER A 355 9.10 6.49 21.90
C SER A 355 7.81 5.86 21.33
N LEU A 356 7.61 6.01 20.02
CA LEU A 356 6.38 5.53 19.37
C LEU A 356 5.16 6.21 19.98
N TRP A 357 5.32 7.47 20.36
CA TRP A 357 4.24 8.21 20.99
C TRP A 357 3.10 8.44 20.01
N LYS A 358 3.45 8.58 18.74
CA LYS A 358 2.45 8.73 17.71
C LYS A 358 1.59 7.46 17.63
N ASP A 359 2.25 6.30 17.59
CA ASP A 359 1.58 5.01 17.50
C ASP A 359 0.68 4.81 18.73
N LYS A 360 1.24 5.10 19.91
CA LYS A 360 0.48 5.02 21.16
C LYS A 360 -0.77 5.89 21.15
N ALA A 361 -0.62 7.18 20.87
CA ALA A 361 -1.76 8.09 20.83
C ALA A 361 -2.80 7.68 19.80
N ALA A 362 -2.32 7.26 18.63
CA ALA A 362 -3.21 6.87 17.54
C ALA A 362 -4.10 5.69 17.92
N VAL A 363 -3.54 4.71 18.63
CA VAL A 363 -4.35 3.59 19.09
C VAL A 363 -5.49 4.09 19.97
N GLU A 364 -5.16 4.93 20.95
CA GLU A 364 -6.12 5.35 21.95
C GLU A 364 -7.23 6.20 21.35
N ILE A 365 -6.88 6.99 20.34
CA ILE A 365 -7.88 7.70 19.55
C ILE A 365 -8.81 6.75 18.75
N ASN A 366 -8.24 5.79 18.02
CA ASN A 366 -9.08 4.77 17.38
C ASN A 366 -9.96 4.00 18.39
N LEU A 367 -9.40 3.64 19.55
CA LEU A 367 -10.17 2.93 20.56
C LEU A 367 -11.34 3.78 21.02
N ALA A 368 -11.12 5.09 21.17
CA ALA A 368 -12.17 5.98 21.64
C ALA A 368 -13.26 6.13 20.58
N VAL A 369 -12.86 6.15 19.31
CA VAL A 369 -13.85 6.19 18.25
C VAL A 369 -14.78 4.98 18.34
N LEU A 370 -14.18 3.80 18.49
CA LEU A 370 -14.94 2.55 18.56
C LEU A 370 -15.85 2.49 19.77
N HIS A 371 -15.26 2.75 20.93
CA HIS A 371 -15.97 2.70 22.20
C HIS A 371 -17.16 3.68 22.25
N SER A 372 -16.98 4.88 21.72
CA SER A 372 -18.03 5.89 21.76
C SER A 372 -19.17 5.55 20.81
N PHE A 373 -18.82 5.07 19.62
CA PHE A 373 -19.84 4.72 18.65
C PHE A 373 -20.68 3.56 19.18
N GLN A 374 -20.01 2.59 19.81
CA GLN A 374 -20.67 1.44 20.43
C GLN A 374 -21.63 1.88 21.52
N LEU A 375 -21.09 2.65 22.45
CA LEU A 375 -21.85 3.21 23.56
C LEU A 375 -23.09 3.94 23.04
N ALA A 376 -22.90 4.74 22.00
CA ALA A 376 -24.00 5.47 21.39
C ALA A 376 -24.90 4.59 20.52
N LYS A 377 -24.62 3.28 20.49
CA LYS A 377 -25.35 2.34 19.62
C LYS A 377 -25.39 2.82 18.16
N VAL A 378 -24.26 3.28 17.66
CA VAL A 378 -24.19 3.72 16.28
C VAL A 378 -23.31 2.73 15.53
N THR A 379 -23.79 2.27 14.39
CA THR A 379 -23.08 1.27 13.60
C THR A 379 -21.66 1.73 13.26
N ILE A 380 -20.70 0.85 13.48
CA ILE A 380 -19.30 1.12 13.15
C ILE A 380 -18.55 -0.20 13.01
N VAL A 381 -17.49 -0.21 12.20
CA VAL A 381 -16.65 -1.41 12.10
C VAL A 381 -15.16 -1.07 12.23
N ASP A 382 -14.48 -1.81 13.08
CA ASP A 382 -13.05 -1.66 13.22
C ASP A 382 -12.35 -2.28 12.01
N HIS A 383 -11.06 -1.96 11.86
CA HIS A 383 -10.32 -2.33 10.67
C HIS A 383 -9.94 -3.79 10.63
N HIS A 384 -9.96 -4.46 11.77
CA HIS A 384 -9.71 -5.89 11.75
C HIS A 384 -10.96 -6.57 11.19
N ALA A 385 -12.09 -6.31 11.82
CA ALA A 385 -13.36 -6.90 11.41
C ALA A 385 -13.69 -6.58 9.96
N ALA A 386 -13.36 -5.37 9.53
CA ALA A 386 -13.58 -4.99 8.14
C ALA A 386 -12.74 -5.82 7.16
N THR A 387 -11.42 -5.90 7.41
CA THR A 387 -10.56 -6.56 6.46
C THR A 387 -10.81 -8.05 6.44
N VAL A 388 -11.12 -8.63 7.61
CA VAL A 388 -11.59 -10.00 7.65
C VAL A 388 -12.82 -10.15 6.75
N SER A 389 -13.74 -9.20 6.81
CA SER A 389 -14.98 -9.38 6.05
C SER A 389 -14.73 -9.22 4.54
N PHE A 390 -13.68 -8.49 4.19
CA PHE A 390 -13.31 -8.27 2.80
C PHE A 390 -12.57 -9.47 2.23
N MET A 391 -11.93 -10.26 3.10
CA MET A 391 -11.29 -11.49 2.64
C MET A 391 -12.39 -12.43 2.22
N LYS A 392 -13.48 -12.44 2.98
CA LYS A 392 -14.64 -13.26 2.64
C LYS A 392 -15.26 -12.74 1.34
N HIS A 393 -15.27 -11.43 1.17
CA HIS A 393 -15.75 -10.85 -0.09
C HIS A 393 -14.94 -11.36 -1.30
N LEU A 394 -13.61 -11.26 -1.22
CA LEU A 394 -12.71 -11.76 -2.28
C LEU A 394 -12.95 -13.23 -2.63
N ASP A 395 -13.12 -14.05 -1.60
CA ASP A 395 -13.48 -15.46 -1.83
C ASP A 395 -14.87 -15.63 -2.46
N ASN A 396 -15.86 -14.81 -2.08
CA ASN A 396 -17.16 -14.89 -2.72
C ASN A 396 -17.08 -14.60 -4.23
N GLU A 397 -16.28 -13.58 -4.56
CA GLU A 397 -16.19 -13.05 -5.91
C GLU A 397 -15.27 -13.90 -6.81
N GLN A 398 -14.32 -14.57 -6.16
CA GLN A 398 -13.47 -15.52 -6.85
C GLN A 398 -14.39 -16.54 -7.52
N LYS A 399 -15.28 -17.15 -6.72
CA LYS A 399 -16.31 -18.05 -7.24
C LYS A 399 -17.30 -17.35 -8.17
N ALA A 400 -17.92 -16.27 -7.71
CA ALA A 400 -18.96 -15.56 -8.47
C ALA A 400 -18.57 -15.06 -9.87
N ARG A 401 -17.38 -14.46 -9.99
CA ARG A 401 -16.98 -13.70 -11.18
C ARG A 401 -15.57 -13.99 -11.66
N GLY A 402 -14.86 -14.90 -10.99
CA GLY A 402 -13.48 -15.21 -11.35
C GLY A 402 -12.46 -14.14 -10.96
N GLY A 403 -12.77 -13.32 -9.94
CA GLY A 403 -11.84 -12.30 -9.48
C GLY A 403 -12.52 -11.06 -8.92
N CYS A 404 -11.72 -10.16 -8.34
CA CYS A 404 -12.24 -8.91 -7.78
C CYS A 404 -11.21 -7.78 -7.88
N PRO A 405 -11.58 -6.68 -8.56
CA PRO A 405 -10.69 -5.55 -8.73
C PRO A 405 -10.50 -4.83 -7.39
N ALA A 406 -9.27 -4.77 -6.91
CA ALA A 406 -9.00 -4.27 -5.58
C ALA A 406 -7.72 -3.43 -5.52
N ASP A 407 -7.83 -2.26 -4.90
CA ASP A 407 -6.73 -1.33 -4.76
C ASP A 407 -6.05 -1.56 -3.39
N TRP A 408 -4.94 -2.31 -3.42
CA TRP A 408 -4.26 -2.72 -2.21
C TRP A 408 -3.91 -1.54 -1.25
N ALA A 409 -3.45 -0.43 -1.83
CA ALA A 409 -3.07 0.73 -1.03
C ALA A 409 -4.25 1.33 -0.25
N TRP A 410 -5.44 1.24 -0.82
CA TRP A 410 -6.67 1.78 -0.21
C TRP A 410 -7.42 0.75 0.66
N ILE A 411 -7.20 -0.53 0.38
CA ILE A 411 -7.84 -1.60 1.12
C ILE A 411 -7.14 -1.84 2.46
N VAL A 412 -5.80 -1.77 2.45
CA VAL A 412 -5.04 -1.86 3.70
C VAL A 412 -5.34 -0.63 4.57
N PRO A 413 -5.61 -0.84 5.87
CA PRO A 413 -5.92 0.28 6.76
C PRO A 413 -4.68 1.14 7.07
N PRO A 414 -4.91 2.42 7.40
CA PRO A 414 -3.82 3.38 7.60
C PRO A 414 -3.09 3.17 8.94
N ILE A 415 -3.66 2.38 9.86
CA ILE A 415 -2.90 1.86 11.00
C ILE A 415 -2.93 0.33 11.02
N SER A 416 -1.94 -0.27 11.70
CA SER A 416 -1.86 -1.72 11.93
C SER A 416 -1.95 -2.57 10.66
N GLY A 417 -1.49 -2.00 9.55
CA GLY A 417 -1.50 -2.64 8.24
C GLY A 417 -1.29 -4.14 8.16
N SER A 418 -0.13 -4.62 8.60
CA SER A 418 0.18 -6.05 8.40
C SER A 418 -0.47 -6.94 9.46
N LEU A 419 -1.15 -6.32 10.42
CA LEU A 419 -1.91 -7.04 11.44
C LEU A 419 -3.28 -7.50 10.87
N THR A 420 -3.69 -6.88 9.77
CA THR A 420 -4.92 -7.28 9.09
C THR A 420 -4.59 -8.20 7.92
N PRO A 421 -5.48 -9.16 7.60
CA PRO A 421 -5.12 -10.22 6.64
C PRO A 421 -5.00 -9.76 5.18
N VAL A 422 -5.61 -8.64 4.81
CA VAL A 422 -5.54 -8.11 3.45
C VAL A 422 -4.13 -7.62 3.04
N PHE A 423 -3.29 -7.34 4.04
CA PHE A 423 -1.95 -6.88 3.78
C PHE A 423 -1.22 -8.01 3.03
N HIS A 424 -1.55 -9.26 3.39
CA HIS A 424 -0.86 -10.43 2.83
C HIS A 424 -1.56 -10.98 1.59
N GLN A 425 -2.56 -10.25 1.11
CA GLN A 425 -3.31 -10.64 -0.07
C GLN A 425 -2.92 -9.81 -1.30
N GLU A 426 -2.30 -10.46 -2.29
CA GLU A 426 -2.05 -9.79 -3.57
C GLU A 426 -3.39 -9.45 -4.21
N MET A 427 -3.41 -8.34 -4.94
CA MET A 427 -4.65 -7.87 -5.54
C MET A 427 -4.40 -7.43 -6.96
N VAL A 428 -5.44 -7.54 -7.77
CA VAL A 428 -5.39 -7.03 -9.13
C VAL A 428 -6.35 -5.85 -9.23
N ASN A 429 -5.87 -4.77 -9.83
CA ASN A 429 -6.67 -3.55 -9.89
C ASN A 429 -6.96 -3.17 -11.33
N TYR A 430 -8.22 -2.82 -11.59
CA TYR A 430 -8.68 -2.47 -12.93
C TYR A 430 -10.05 -1.81 -12.85
N ILE A 431 -10.43 -1.12 -13.93
CA ILE A 431 -11.73 -0.45 -13.99
C ILE A 431 -12.80 -1.32 -14.66
N LEU A 432 -13.83 -1.68 -13.89
CA LEU A 432 -15.04 -2.26 -14.46
C LEU A 432 -16.08 -1.16 -14.50
N SER A 433 -17.09 -1.34 -15.35
CA SER A 433 -18.25 -0.46 -15.36
C SER A 433 -19.47 -1.35 -15.24
N PRO A 434 -20.54 -0.88 -14.56
CA PRO A 434 -20.79 0.38 -13.86
C PRO A 434 -19.73 0.79 -12.85
N ALA A 435 -19.61 2.09 -12.61
CA ALA A 435 -18.48 2.61 -11.87
C ALA A 435 -18.86 3.91 -11.18
N PHE A 436 -18.36 4.08 -9.97
CA PHE A 436 -18.31 5.41 -9.36
C PHE A 436 -17.02 6.08 -9.80
N ARG A 437 -17.14 7.22 -10.48
CA ARG A 437 -15.97 7.93 -10.96
C ARG A 437 -15.87 9.28 -10.27
N TYR A 438 -14.65 9.80 -10.19
CA TYR A 438 -14.44 11.18 -9.74
C TYR A 438 -14.78 12.16 -10.85
N GLN A 439 -15.27 13.34 -10.47
CA GLN A 439 -15.64 14.35 -11.44
C GLN A 439 -15.16 15.71 -10.99
N PRO A 440 -14.81 16.58 -11.95
CA PRO A 440 -14.27 17.88 -11.56
C PRO A 440 -15.31 18.69 -10.80
N ASP A 441 -14.85 19.61 -9.96
CA ASP A 441 -15.75 20.44 -9.15
C ASP A 441 -16.54 21.39 -10.04
N PRO A 442 -17.84 21.56 -9.73
CA PRO A 442 -18.78 22.34 -10.53
C PRO A 442 -18.33 23.78 -10.79
N TRP A 443 -17.60 24.39 -9.86
CA TRP A 443 -17.15 25.77 -9.99
C TRP A 443 -15.79 25.87 -10.65
N LYS B 30 3.12 10.28 -21.06
CA LYS B 30 4.51 10.67 -20.90
C LYS B 30 4.89 10.90 -19.43
N PHE B 31 5.17 12.14 -19.06
CA PHE B 31 5.74 12.46 -17.74
C PHE B 31 4.68 12.59 -16.64
N PRO B 32 4.83 11.77 -15.58
CA PRO B 32 3.91 11.71 -14.43
C PRO B 32 3.96 12.90 -13.48
N ARG B 33 2.78 13.36 -13.06
CA ARG B 33 2.63 14.39 -12.05
C ARG B 33 2.51 13.77 -10.66
N VAL B 34 3.56 13.90 -9.86
CA VAL B 34 3.62 13.34 -8.51
C VAL B 34 3.27 14.35 -7.39
N LYS B 35 2.21 14.06 -6.63
CA LYS B 35 1.72 14.98 -5.60
C LYS B 35 1.86 14.48 -4.17
N ASN B 36 2.38 15.34 -3.30
CA ASN B 36 2.30 15.14 -1.85
C ASN B 36 0.99 15.75 -1.31
N TRP B 37 0.14 14.91 -0.71
CA TRP B 37 -1.20 15.33 -0.30
C TRP B 37 -1.25 16.02 1.08
N GLU B 38 -0.14 15.97 1.82
CA GLU B 38 -0.05 16.62 3.11
C GLU B 38 0.42 18.09 2.98
N LEU B 39 1.22 18.36 1.95
CA LEU B 39 1.87 19.66 1.78
C LEU B 39 1.37 20.40 0.54
N GLY B 40 0.71 19.68 -0.36
CA GLY B 40 0.20 20.28 -1.59
C GLY B 40 1.27 20.47 -2.66
N SER B 41 2.44 19.89 -2.44
CA SER B 41 3.56 20.04 -3.36
C SER B 41 3.52 19.03 -4.54
N ILE B 42 3.93 19.51 -5.72
CA ILE B 42 3.92 18.71 -6.94
C ILE B 42 5.30 18.60 -7.61
N THR B 43 5.71 17.38 -7.95
CA THR B 43 6.91 17.16 -8.78
C THR B 43 6.58 16.51 -10.14
N TYR B 44 7.60 16.28 -10.94
CA TYR B 44 7.44 15.59 -12.22
C TYR B 44 8.58 14.61 -12.41
N ASP B 45 8.25 13.32 -12.35
CA ASP B 45 9.25 12.29 -12.58
C ASP B 45 9.58 12.19 -14.07
N THR B 46 10.82 12.54 -14.42
CA THR B 46 11.32 12.38 -15.78
C THR B 46 12.44 11.33 -15.77
N LEU B 47 12.79 10.84 -14.58
CA LEU B 47 13.82 9.84 -14.46
C LEU B 47 13.27 8.52 -14.99
N CYS B 48 11.95 8.36 -14.94
CA CYS B 48 11.29 7.11 -15.35
C CYS B 48 11.57 6.79 -16.82
N ALA B 49 11.69 7.83 -17.64
CA ALA B 49 12.00 7.69 -19.07
C ALA B 49 13.34 7.00 -19.36
N GLN B 50 14.14 6.76 -18.34
CA GLN B 50 15.40 6.04 -18.50
C GLN B 50 15.24 4.55 -18.16
N SER B 51 13.99 4.10 -18.00
CA SER B 51 13.69 2.70 -17.72
C SER B 51 13.66 1.86 -18.99
N GLN B 52 14.51 0.85 -19.05
CA GLN B 52 14.63 -0.02 -20.22
C GLN B 52 14.00 -1.39 -19.97
N GLN B 53 13.31 -1.53 -18.84
CA GLN B 53 12.76 -2.82 -18.44
C GLN B 53 11.27 -2.73 -18.07
N ASP B 54 10.48 -3.69 -18.56
CA ASP B 54 9.05 -3.78 -18.28
C ASP B 54 8.72 -4.14 -16.82
N GLY B 55 7.66 -3.56 -16.30
CA GLY B 55 7.08 -4.00 -15.05
C GLY B 55 5.81 -4.82 -15.28
N PRO B 56 5.16 -5.26 -14.20
CA PRO B 56 4.03 -6.19 -14.29
C PRO B 56 2.73 -5.55 -14.77
N CYS B 57 2.68 -4.23 -14.85
CA CYS B 57 1.43 -3.53 -15.15
C CYS B 57 1.29 -3.25 -16.64
N THR B 58 0.05 -3.05 -17.06
CA THR B 58 -0.30 -2.70 -18.43
C THR B 58 -1.41 -1.67 -18.26
N PRO B 59 -1.84 -1.03 -19.36
CA PRO B 59 -2.97 -0.12 -19.19
C PRO B 59 -4.26 -0.79 -18.67
N ARG B 60 -4.43 -2.10 -18.89
CA ARG B 60 -5.68 -2.77 -18.54
C ARG B 60 -5.83 -3.11 -17.05
N ARG B 61 -4.73 -3.54 -16.43
CA ARG B 61 -4.76 -3.84 -15.00
C ARG B 61 -3.43 -3.55 -14.33
N CYS B 62 -3.49 -3.06 -13.08
CA CYS B 62 -2.31 -2.79 -12.28
C CYS B 62 -1.95 -4.00 -11.41
N LEU B 63 -0.70 -4.44 -11.47
CA LEU B 63 -0.25 -5.62 -10.72
C LEU B 63 0.82 -5.23 -9.71
N GLY B 64 0.77 -3.98 -9.24
CA GLY B 64 1.77 -3.46 -8.32
C GLY B 64 1.94 -4.25 -7.03
N SER B 65 0.89 -4.91 -6.58
CA SER B 65 0.95 -5.58 -5.29
C SER B 65 1.58 -6.97 -5.36
N LEU B 66 1.87 -7.48 -6.55
CA LEU B 66 2.56 -8.75 -6.63
C LEU B 66 3.96 -8.61 -6.01
N VAL B 67 4.33 -9.57 -5.18
CA VAL B 67 5.65 -9.61 -4.57
C VAL B 67 6.74 -10.02 -5.59
N LEU B 68 6.49 -11.08 -6.34
CA LEU B 68 7.44 -11.54 -7.35
C LEU B 68 6.96 -11.24 -8.77
N PRO B 69 7.90 -11.15 -9.73
CA PRO B 69 7.54 -11.15 -11.16
C PRO B 69 6.92 -12.50 -11.58
N ARG B 70 5.95 -12.49 -12.49
CA ARG B 70 5.27 -13.70 -12.95
C ARG B 70 6.21 -14.80 -13.44
N LYS B 71 7.15 -14.44 -14.31
CA LYS B 71 8.18 -15.36 -14.80
C LYS B 71 9.58 -14.80 -14.55
N PRO B 82 20.45 -10.89 -28.07
CA PRO B 82 21.63 -11.74 -28.31
C PRO B 82 22.89 -11.22 -27.64
N ALA B 83 23.80 -10.66 -28.42
CA ALA B 83 25.05 -10.11 -27.92
C ALA B 83 25.10 -8.61 -28.22
N GLU B 84 24.17 -8.16 -29.05
CA GLU B 84 23.97 -6.74 -29.28
C GLU B 84 23.19 -6.23 -28.09
N GLN B 85 22.43 -7.13 -27.49
CA GLN B 85 21.67 -6.82 -26.29
C GLN B 85 22.62 -6.53 -25.12
N LEU B 86 23.55 -7.45 -24.89
CA LEU B 86 24.54 -7.29 -23.84
C LEU B 86 25.37 -6.03 -24.10
N LEU B 87 25.82 -5.86 -25.33
CA LEU B 87 26.64 -4.70 -25.68
C LEU B 87 25.92 -3.35 -25.45
N SER B 88 24.62 -3.32 -25.66
CA SER B 88 23.85 -2.09 -25.43
C SER B 88 23.76 -1.74 -23.94
N GLN B 89 23.46 -2.76 -23.12
CA GLN B 89 23.44 -2.57 -21.67
C GLN B 89 24.83 -2.26 -21.14
N ALA B 90 25.84 -2.85 -21.76
CA ALA B 90 27.23 -2.60 -21.39
C ALA B 90 27.64 -1.15 -21.65
N ARG B 91 27.32 -0.63 -22.83
CA ARG B 91 27.69 0.75 -23.15
C ARG B 91 26.97 1.72 -22.21
N ASP B 92 25.68 1.50 -22.01
CA ASP B 92 24.87 2.37 -21.16
C ASP B 92 25.48 2.50 -19.77
N PHE B 93 25.87 1.38 -19.19
CA PHE B 93 26.42 1.39 -17.85
C PHE B 93 27.76 2.13 -17.82
N ILE B 94 28.61 1.83 -18.80
CA ILE B 94 29.89 2.52 -18.89
C ILE B 94 29.62 4.02 -18.99
N ASN B 95 28.66 4.39 -19.83
CA ASN B 95 28.25 5.77 -20.01
C ASN B 95 27.82 6.39 -18.69
N GLN B 96 27.04 5.63 -17.92
CA GLN B 96 26.65 6.07 -16.60
C GLN B 96 27.88 6.28 -15.71
N TYR B 97 28.78 5.30 -15.73
CA TYR B 97 29.97 5.35 -14.88
C TYR B 97 30.85 6.59 -15.13
N TYR B 98 31.10 6.88 -16.40
CA TYR B 98 31.98 7.97 -16.76
C TYR B 98 31.31 9.33 -16.61
N SER B 99 29.98 9.32 -16.57
CA SER B 99 29.27 10.54 -16.28
C SER B 99 29.33 10.78 -14.77
N SER B 100 29.21 9.69 -14.00
CA SER B 100 29.25 9.78 -12.54
C SER B 100 30.52 10.45 -12.03
N ILE B 101 31.65 10.17 -12.68
CA ILE B 101 32.91 10.81 -12.32
C ILE B 101 33.22 12.02 -13.19
N LYS B 102 32.19 12.53 -13.86
CA LYS B 102 32.30 13.74 -14.69
C LYS B 102 33.43 13.67 -15.73
N ARG B 103 33.60 12.51 -16.36
CA ARG B 103 34.65 12.32 -17.35
C ARG B 103 34.14 11.77 -18.69
N SER B 104 32.96 12.24 -19.12
CA SER B 104 32.31 11.73 -20.33
C SER B 104 32.93 12.28 -21.62
N GLY B 105 33.01 11.42 -22.63
CA GLY B 105 33.59 11.80 -23.91
C GLY B 105 35.10 11.87 -23.88
N SER B 106 35.69 11.63 -22.72
CA SER B 106 37.14 11.67 -22.56
C SER B 106 37.81 10.48 -23.22
N GLN B 107 39.13 10.50 -23.24
CA GLN B 107 39.88 9.43 -23.88
C GLN B 107 39.67 8.13 -23.09
N ALA B 108 39.64 8.24 -21.77
CA ALA B 108 39.45 7.09 -20.91
C ALA B 108 38.08 6.46 -21.12
N HIS B 109 37.10 7.31 -21.42
CA HIS B 109 35.73 6.85 -21.65
C HIS B 109 35.67 6.15 -23.00
N GLU B 110 36.28 6.76 -24.01
CA GLU B 110 36.29 6.21 -25.35
C GLU B 110 37.02 4.86 -25.40
N GLU B 111 38.14 4.78 -24.70
CA GLU B 111 38.93 3.55 -24.65
C GLU B 111 38.20 2.44 -23.92
N ARG B 112 37.50 2.79 -22.84
CA ARG B 112 36.83 1.77 -22.05
C ARG B 112 35.72 1.13 -22.86
N LEU B 113 35.06 1.94 -23.68
CA LEU B 113 33.96 1.48 -24.53
C LEU B 113 34.47 0.49 -25.59
N GLN B 114 35.64 0.78 -26.15
CA GLN B 114 36.25 -0.12 -27.12
C GLN B 114 36.71 -1.42 -26.45
N GLU B 115 37.18 -1.32 -25.22
CA GLU B 115 37.64 -2.49 -24.49
C GLU B 115 36.47 -3.43 -24.33
N VAL B 116 35.37 -2.89 -23.82
CA VAL B 116 34.17 -3.65 -23.55
C VAL B 116 33.60 -4.23 -24.84
N GLU B 117 33.60 -3.41 -25.88
CA GLU B 117 33.11 -3.84 -27.18
C GLU B 117 33.96 -4.97 -27.76
N ALA B 118 35.28 -4.84 -27.63
CA ALA B 118 36.21 -5.85 -28.13
C ALA B 118 36.05 -7.17 -27.39
N GLU B 119 35.78 -7.09 -26.10
CA GLU B 119 35.72 -8.29 -25.27
C GLU B 119 34.42 -9.07 -25.51
N VAL B 120 33.32 -8.36 -25.78
CA VAL B 120 32.05 -9.03 -26.04
C VAL B 120 32.06 -9.66 -27.43
N ALA B 121 32.56 -8.91 -28.40
CA ALA B 121 32.69 -9.39 -29.76
C ALA B 121 33.40 -10.74 -29.83
N SER B 122 34.42 -10.90 -28.97
CA SER B 122 35.31 -12.06 -29.05
C SER B 122 34.89 -13.21 -28.14
N THR B 123 34.29 -12.89 -27.00
CA THR B 123 34.03 -13.87 -25.96
C THR B 123 32.54 -13.98 -25.60
N GLY B 124 31.71 -13.10 -26.17
CA GLY B 124 30.30 -13.08 -25.83
C GLY B 124 30.00 -12.52 -24.44
N THR B 125 31.03 -11.97 -23.81
CA THR B 125 30.87 -11.39 -22.49
C THR B 125 32.04 -10.46 -22.17
N TYR B 126 32.03 -9.89 -20.97
CA TYR B 126 33.11 -8.99 -20.56
C TYR B 126 33.19 -8.93 -19.05
N HIS B 127 34.11 -8.13 -18.55
CA HIS B 127 34.28 -8.01 -17.11
C HIS B 127 34.31 -6.55 -16.66
N LEU B 128 33.99 -6.32 -15.40
CA LEU B 128 33.96 -4.96 -14.87
C LEU B 128 35.26 -4.65 -14.16
N ARG B 129 35.67 -3.39 -14.21
CA ARG B 129 36.76 -2.94 -13.35
C ARG B 129 36.19 -2.73 -11.95
N GLU B 130 37.01 -2.94 -10.93
CA GLU B 130 36.55 -2.80 -9.54
C GLU B 130 35.82 -1.48 -9.25
N SER B 131 36.37 -0.37 -9.75
CA SER B 131 35.77 0.94 -9.52
C SER B 131 34.38 1.03 -10.14
N GLU B 132 34.25 0.46 -11.34
CA GLU B 132 32.95 0.34 -12.00
C GLU B 132 31.98 -0.50 -11.18
N LEU B 133 32.50 -1.61 -10.65
CA LEU B 133 31.70 -2.49 -9.80
C LEU B 133 31.19 -1.76 -8.56
N VAL B 134 32.09 -1.07 -7.85
CA VAL B 134 31.72 -0.23 -6.71
C VAL B 134 30.59 0.73 -7.11
N PHE B 135 30.75 1.38 -8.25
CA PHE B 135 29.70 2.27 -8.75
C PHE B 135 28.39 1.52 -8.97
N GLY B 136 28.46 0.42 -9.73
CA GLY B 136 27.29 -0.36 -10.06
C GLY B 136 26.51 -0.84 -8.87
N ALA B 137 27.22 -1.38 -7.88
CA ALA B 137 26.57 -1.89 -6.69
C ALA B 137 25.82 -0.77 -5.95
N LYS B 138 26.43 0.42 -5.88
CA LYS B 138 25.80 1.57 -5.22
C LYS B 138 24.55 2.01 -5.99
N GLN B 139 24.65 2.06 -7.31
CA GLN B 139 23.50 2.43 -8.13
C GLN B 139 22.35 1.43 -8.02
N ALA B 140 22.67 0.17 -7.81
CA ALA B 140 21.65 -0.86 -7.68
C ALA B 140 20.80 -0.67 -6.44
N TRP B 141 21.46 -0.41 -5.31
CA TRP B 141 20.80 -0.03 -4.05
C TRP B 141 19.98 1.26 -4.22
N ARG B 142 20.59 2.24 -4.86
CA ARG B 142 19.93 3.51 -5.11
C ARG B 142 18.69 3.37 -5.97
N ASN B 143 18.70 2.39 -6.87
CA ASN B 143 17.58 2.20 -7.78
C ASN B 143 16.48 1.31 -7.22
N ALA B 144 16.72 0.71 -6.06
CA ALA B 144 15.80 -0.28 -5.48
C ALA B 144 14.51 0.36 -4.89
N PRO B 145 13.41 0.22 -5.63
CA PRO B 145 12.17 0.95 -5.38
C PRO B 145 11.54 0.61 -4.03
N ARG B 146 11.89 -0.54 -3.47
CA ARG B 146 11.29 -1.01 -2.24
C ARG B 146 12.07 -0.61 -0.99
N CYS B 147 13.26 -0.07 -1.19
CA CYS B 147 14.13 0.23 -0.06
C CYS B 147 13.88 1.60 0.58
N VAL B 148 13.55 1.58 1.88
CA VAL B 148 13.26 2.80 2.62
C VAL B 148 14.54 3.43 3.18
N GLY B 149 15.66 2.71 3.04
CA GLY B 149 16.91 3.09 3.66
C GLY B 149 17.93 3.68 2.72
N ARG B 150 17.45 4.14 1.56
CA ARG B 150 18.35 4.58 0.48
C ARG B 150 19.01 5.94 0.70
N ILE B 151 18.63 6.66 1.76
CA ILE B 151 19.32 7.92 2.06
C ILE B 151 20.82 7.60 2.17
N GLN B 152 21.10 6.34 2.56
CA GLN B 152 22.43 5.81 2.80
C GLN B 152 23.16 5.31 1.55
N TRP B 153 22.57 5.45 0.37
CA TRP B 153 23.03 4.70 -0.81
C TRP B 153 24.50 4.90 -1.18
N GLY B 154 24.99 6.12 -1.05
CA GLY B 154 26.36 6.42 -1.43
C GLY B 154 27.38 5.91 -0.43
N LYS B 155 26.91 5.53 0.75
CA LYS B 155 27.78 5.00 1.79
C LYS B 155 27.62 3.47 1.89
N LEU B 156 28.40 2.75 1.08
CA LEU B 156 28.33 1.29 1.03
C LEU B 156 29.73 0.70 0.81
N GLN B 157 30.17 -0.13 1.73
CA GLN B 157 31.47 -0.80 1.62
C GLN B 157 31.37 -2.00 0.67
N VAL B 158 32.10 -1.93 -0.43
CA VAL B 158 32.08 -2.97 -1.46
C VAL B 158 33.29 -3.91 -1.41
N PHE B 159 33.05 -5.18 -1.11
CA PHE B 159 34.11 -6.19 -1.14
C PHE B 159 34.04 -6.97 -2.45
N ASP B 160 35.09 -6.84 -3.26
CA ASP B 160 35.25 -7.59 -4.50
C ASP B 160 35.70 -9.00 -4.15
N ALA B 161 34.84 -9.99 -4.41
CA ALA B 161 35.22 -11.38 -4.15
C ALA B 161 35.11 -12.20 -5.45
N ARG B 162 35.32 -11.52 -6.57
CA ARG B 162 35.20 -12.17 -7.87
C ARG B 162 36.34 -13.14 -8.12
N ASP B 163 37.36 -13.10 -7.26
CA ASP B 163 38.44 -14.08 -7.35
C ASP B 163 38.22 -15.27 -6.40
N CYS B 164 36.95 -15.61 -6.21
CA CYS B 164 36.57 -16.74 -5.37
C CYS B 164 36.46 -17.99 -6.24
N SER B 165 36.90 -19.14 -5.74
CA SER B 165 36.83 -20.36 -6.56
C SER B 165 36.33 -21.62 -5.85
N SER B 166 35.68 -21.45 -4.70
CA SER B 166 35.20 -22.60 -3.96
C SER B 166 34.28 -22.18 -2.83
N ALA B 167 33.47 -23.13 -2.34
CA ALA B 167 32.60 -22.90 -1.21
C ALA B 167 33.40 -22.41 0.00
N GLN B 168 34.51 -23.08 0.28
CA GLN B 168 35.39 -22.72 1.39
C GLN B 168 35.82 -21.24 1.32
N GLU B 169 36.14 -20.77 0.11
CA GLU B 169 36.57 -19.38 -0.06
C GLU B 169 35.39 -18.44 0.10
N MET B 170 34.23 -18.85 -0.40
CA MET B 170 33.00 -18.09 -0.23
C MET B 170 32.72 -17.89 1.26
N PHE B 171 32.89 -18.95 2.03
CA PHE B 171 32.67 -18.87 3.47
C PHE B 171 33.59 -17.86 4.16
N THR B 172 34.87 -17.89 3.81
CA THR B 172 35.83 -16.96 4.36
C THR B 172 35.42 -15.52 4.04
N TYR B 173 35.01 -15.27 2.80
CA TYR B 173 34.56 -13.92 2.43
C TYR B 173 33.31 -13.48 3.21
N ILE B 174 32.47 -14.44 3.54
CA ILE B 174 31.23 -14.15 4.21
C ILE B 174 31.51 -13.78 5.66
N CYS B 175 32.44 -14.51 6.27
CA CYS B 175 32.80 -14.24 7.65
C CYS B 175 33.37 -12.83 7.78
N ASN B 176 34.20 -12.45 6.83
CA ASN B 176 34.80 -11.12 6.83
C ASN B 176 33.73 -10.03 6.69
N HIS B 177 32.79 -10.25 5.78
CA HIS B 177 31.68 -9.34 5.57
C HIS B 177 30.91 -9.12 6.87
N ILE B 178 30.52 -10.22 7.50
CA ILE B 178 29.81 -10.20 8.76
C ILE B 178 30.60 -9.46 9.86
N LYS B 179 31.89 -9.80 10.02
CA LYS B 179 32.77 -9.10 10.98
C LYS B 179 32.78 -7.60 10.72
N TYR B 180 33.05 -7.22 9.48
CA TYR B 180 33.05 -5.81 9.10
C TYR B 180 31.71 -5.13 9.38
N ALA B 181 30.68 -5.68 8.76
CA ALA B 181 29.37 -5.06 8.75
C ALA B 181 28.80 -4.96 10.15
N THR B 182 29.05 -5.99 10.97
CA THR B 182 28.52 -6.02 12.33
C THR B 182 29.19 -4.97 13.21
N ASN B 183 30.52 -4.90 13.14
CA ASN B 183 31.31 -3.85 13.79
C ASN B 183 30.89 -3.65 15.23
N ARG B 184 30.83 -4.74 15.99
CA ARG B 184 30.47 -4.70 17.41
C ARG B 184 29.17 -3.94 17.77
N GLY B 185 28.26 -3.81 16.81
CA GLY B 185 26.99 -3.16 17.05
C GLY B 185 26.81 -1.84 16.33
N ASN B 186 27.92 -1.22 15.94
CA ASN B 186 27.86 -0.03 15.12
C ASN B 186 27.82 -0.45 13.67
N LEU B 187 26.63 -0.83 13.24
CA LEU B 187 26.46 -1.49 11.95
C LEU B 187 26.92 -0.62 10.79
N ARG B 188 27.50 -1.26 9.79
CA ARG B 188 27.96 -0.59 8.58
C ARG B 188 27.45 -1.35 7.38
N SER B 189 27.16 -0.64 6.29
CA SER B 189 26.54 -1.25 5.12
C SER B 189 27.56 -1.81 4.16
N ALA B 190 27.47 -3.12 3.92
CA ALA B 190 28.42 -3.77 3.04
C ALA B 190 27.77 -4.71 2.02
N ILE B 191 28.44 -4.86 0.90
CA ILE B 191 28.10 -5.87 -0.07
C ILE B 191 29.39 -6.63 -0.45
N THR B 192 29.27 -7.94 -0.59
CA THR B 192 30.35 -8.78 -1.10
C THR B 192 29.88 -9.40 -2.40
N VAL B 193 30.69 -9.27 -3.44
CA VAL B 193 30.29 -9.67 -4.79
C VAL B 193 31.10 -10.87 -5.28
N PHE B 194 30.40 -11.98 -5.54
CA PHE B 194 31.05 -13.21 -5.94
C PHE B 194 31.09 -13.28 -7.46
N PRO B 195 31.76 -14.30 -8.03
CA PRO B 195 31.95 -14.26 -9.49
C PRO B 195 30.66 -14.24 -10.30
N GLN B 196 30.69 -13.56 -11.43
CA GLN B 196 29.51 -13.39 -12.26
C GLN B 196 29.15 -14.70 -12.90
N ARG B 197 27.88 -14.83 -13.25
CA ARG B 197 27.41 -15.94 -14.03
C ARG B 197 28.15 -15.99 -15.36
N ALA B 198 28.40 -17.21 -15.84
CA ALA B 198 29.04 -17.45 -17.13
C ALA B 198 28.20 -18.41 -17.95
N PRO B 199 28.12 -18.20 -19.29
CA PRO B 199 27.40 -19.12 -20.19
C PRO B 199 27.84 -20.57 -19.98
N GLY B 200 26.85 -21.46 -19.81
CA GLY B 200 27.14 -22.87 -19.67
C GLY B 200 28.12 -23.20 -18.55
N ARG B 201 27.69 -22.86 -17.34
CA ARG B 201 28.41 -23.19 -16.12
C ARG B 201 27.45 -22.84 -15.00
N GLY B 202 27.45 -23.65 -13.95
CA GLY B 202 26.62 -23.37 -12.78
C GLY B 202 26.93 -22.01 -12.17
N ASP B 203 25.99 -21.52 -11.38
CA ASP B 203 26.17 -20.25 -10.70
C ASP B 203 26.75 -20.43 -9.31
N PHE B 204 27.58 -19.49 -8.89
CA PHE B 204 27.89 -19.35 -7.46
C PHE B 204 26.57 -18.98 -6.80
N ARG B 205 26.20 -19.68 -5.73
CA ARG B 205 24.98 -19.36 -5.00
C ARG B 205 25.15 -19.52 -3.49
N ILE B 206 24.40 -18.69 -2.77
CA ILE B 206 24.19 -18.89 -1.34
C ILE B 206 22.75 -19.34 -1.27
N TRP B 207 22.51 -20.55 -0.78
CA TRP B 207 21.17 -21.10 -0.76
C TRP B 207 20.28 -20.40 0.26
N ASN B 208 20.89 -19.92 1.34
CA ASN B 208 20.15 -19.24 2.39
C ASN B 208 19.66 -17.88 1.91
N SER B 209 18.46 -17.49 2.31
CA SER B 209 17.92 -16.18 1.91
C SER B 209 18.59 -15.02 2.66
N GLN B 210 18.97 -15.27 3.91
CA GLN B 210 19.75 -14.30 4.66
C GLN B 210 20.95 -15.01 5.29
N LEU B 211 22.02 -14.29 5.57
CA LEU B 211 23.19 -14.95 6.15
C LEU B 211 22.91 -15.40 7.56
N VAL B 212 21.90 -14.81 8.19
CA VAL B 212 21.49 -15.23 9.52
C VAL B 212 20.00 -15.49 9.54
N ARG B 213 19.64 -16.75 9.64
CA ARG B 213 18.25 -17.19 9.70
C ARG B 213 18.11 -18.10 10.91
N TYR B 214 16.91 -18.14 11.50
CA TYR B 214 16.65 -19.10 12.58
C TYR B 214 15.96 -20.33 12.02
N ALA B 215 16.40 -21.49 12.50
CA ALA B 215 15.83 -22.76 12.11
C ALA B 215 14.33 -22.81 12.31
N GLY B 216 13.64 -23.39 11.32
CA GLY B 216 12.23 -23.71 11.43
C GLY B 216 12.02 -25.21 11.32
N TYR B 217 11.67 -25.85 12.43
CA TYR B 217 11.54 -27.32 12.51
C TYR B 217 10.09 -27.76 12.44
N ARG B 218 9.72 -28.44 11.36
CA ARG B 218 8.34 -28.87 11.20
C ARG B 218 7.94 -30.04 12.11
N GLN B 219 7.39 -29.71 13.27
CA GLN B 219 6.81 -30.71 14.17
C GLN B 219 5.60 -31.33 13.46
N GLN B 220 5.61 -32.66 13.34
CA GLN B 220 4.61 -33.38 12.54
C GLN B 220 3.15 -33.13 12.93
N ASP B 221 2.93 -32.56 14.12
CA ASP B 221 1.59 -32.18 14.56
C ASP B 221 1.18 -30.82 14.02
N GLY B 222 1.33 -30.63 12.70
CA GLY B 222 0.90 -29.41 12.04
C GLY B 222 1.80 -28.21 12.31
N SER B 223 2.06 -27.96 13.59
CA SER B 223 2.79 -26.79 14.03
C SER B 223 4.22 -26.71 13.50
N VAL B 224 4.86 -25.58 13.79
CA VAL B 224 6.27 -25.39 13.49
C VAL B 224 6.96 -24.84 14.72
N ARG B 225 8.13 -25.38 15.03
CA ARG B 225 8.99 -24.80 16.04
C ARG B 225 10.05 -23.91 15.37
N GLY B 226 10.09 -22.63 15.76
CA GLY B 226 11.02 -21.68 15.17
C GLY B 226 10.38 -20.82 14.11
N ASP B 227 11.19 -20.33 13.18
CA ASP B 227 10.70 -19.44 12.12
C ASP B 227 10.15 -20.24 10.94
N PRO B 228 8.81 -20.19 10.74
CA PRO B 228 8.11 -20.97 9.71
C PRO B 228 8.54 -20.58 8.30
N ALA B 229 9.05 -19.36 8.16
CA ALA B 229 9.59 -18.89 6.89
C ALA B 229 10.80 -19.72 6.46
N ASN B 230 11.38 -20.46 7.39
CA ASN B 230 12.62 -21.18 7.13
C ASN B 230 12.48 -22.68 7.31
N VAL B 231 11.36 -23.24 6.88
CA VAL B 231 11.17 -24.67 6.96
C VAL B 231 11.93 -25.40 5.85
N GLU B 232 11.80 -24.89 4.63
CA GLU B 232 12.42 -25.50 3.47
C GLU B 232 13.94 -25.49 3.57
N ILE B 233 14.50 -24.35 3.99
CA ILE B 233 15.95 -24.20 4.10
C ILE B 233 16.52 -25.02 5.26
N THR B 234 15.73 -25.21 6.31
CA THR B 234 16.18 -25.94 7.48
C THR B 234 16.27 -27.42 7.14
N GLU B 235 15.38 -27.86 6.27
CA GLU B 235 15.32 -29.24 5.86
C GLU B 235 16.49 -29.56 4.95
N LEU B 236 16.77 -28.64 4.03
CA LEU B 236 17.91 -28.78 3.13
C LEU B 236 19.20 -28.91 3.91
N CYS B 237 19.31 -28.18 5.00
CA CYS B 237 20.52 -28.25 5.83
C CYS B 237 20.70 -29.62 6.48
N ILE B 238 19.61 -30.19 6.97
CA ILE B 238 19.65 -31.47 7.69
C ILE B 238 19.98 -32.61 6.74
N GLN B 239 19.36 -32.59 5.56
CA GLN B 239 19.62 -33.60 4.54
C GLN B 239 21.03 -33.47 3.97
N HIS B 240 21.67 -32.35 4.23
CA HIS B 240 23.07 -32.18 3.85
C HIS B 240 23.98 -32.38 5.05
N GLY B 241 23.41 -32.87 6.14
CA GLY B 241 24.19 -33.34 7.28
C GLY B 241 24.30 -32.46 8.50
N TRP B 242 23.50 -31.42 8.59
CA TRP B 242 23.55 -30.58 9.78
C TRP B 242 22.81 -31.26 10.92
N THR B 243 23.40 -31.23 12.12
CA THR B 243 22.76 -31.73 13.33
C THR B 243 21.80 -30.66 13.89
N PRO B 244 20.48 -30.87 13.71
CA PRO B 244 19.52 -29.83 14.10
C PRO B 244 19.41 -29.69 15.61
N GLY B 245 18.83 -28.59 16.07
CA GLY B 245 18.51 -28.42 17.46
C GLY B 245 17.02 -28.61 17.69
N ASN B 246 16.51 -28.05 18.78
CA ASN B 246 15.07 -28.06 19.01
C ASN B 246 14.63 -26.77 19.70
N GLY B 247 15.15 -25.65 19.21
CA GLY B 247 14.84 -24.36 19.78
C GLY B 247 14.16 -23.41 18.81
N ARG B 248 13.66 -22.29 19.34
CA ARG B 248 12.93 -21.32 18.54
C ARG B 248 13.87 -20.35 17.82
N PHE B 249 15.09 -20.21 18.32
CA PHE B 249 16.04 -19.26 17.74
C PHE B 249 17.40 -19.88 17.44
N ASP B 250 17.36 -21.05 16.80
CA ASP B 250 18.57 -21.78 16.41
C ASP B 250 19.12 -21.24 15.10
N VAL B 251 20.27 -20.56 15.17
CA VAL B 251 20.92 -20.03 13.97
C VAL B 251 21.29 -21.15 12.99
N LEU B 252 20.86 -21.03 11.74
CA LEU B 252 21.13 -22.05 10.74
C LEU B 252 22.58 -21.99 10.29
N PRO B 253 23.07 -23.08 9.68
CA PRO B 253 24.35 -23.00 8.97
C PRO B 253 24.11 -22.46 7.57
N LEU B 254 25.17 -22.00 6.91
CA LEU B 254 25.10 -21.59 5.51
C LEU B 254 25.33 -22.75 4.54
N LEU B 255 24.56 -22.78 3.47
CA LEU B 255 24.82 -23.68 2.36
C LEU B 255 25.38 -22.86 1.21
N LEU B 256 26.68 -23.00 0.96
CA LEU B 256 27.31 -22.30 -0.15
C LEU B 256 27.61 -23.24 -1.30
N GLN B 257 27.33 -22.78 -2.51
CA GLN B 257 27.52 -23.59 -3.69
C GLN B 257 28.40 -22.89 -4.71
N ALA B 258 29.59 -23.47 -4.91
CA ALA B 258 30.46 -23.16 -6.03
C ALA B 258 29.86 -23.89 -7.23
N PRO B 259 30.11 -23.40 -8.46
CA PRO B 259 29.37 -23.82 -9.67
C PRO B 259 29.43 -25.32 -10.00
N ASP B 260 28.27 -25.89 -10.34
CA ASP B 260 28.17 -27.30 -10.77
C ASP B 260 28.73 -28.27 -9.73
N GLU B 261 28.63 -27.89 -8.47
CA GLU B 261 29.00 -28.78 -7.38
C GLU B 261 27.86 -28.80 -6.35
N ALA B 262 27.77 -29.89 -5.58
CA ALA B 262 26.81 -29.93 -4.49
C ALA B 262 27.15 -28.80 -3.53
N PRO B 263 26.13 -28.20 -2.90
CA PRO B 263 26.41 -27.15 -1.92
C PRO B 263 27.14 -27.70 -0.70
N GLU B 264 27.89 -26.85 0.00
CA GLU B 264 28.57 -27.29 1.21
C GLU B 264 28.01 -26.58 2.44
N LEU B 265 28.09 -27.28 3.57
CA LEU B 265 27.53 -26.80 4.81
C LEU B 265 28.61 -26.09 5.61
N PHE B 266 28.30 -24.89 6.10
CA PHE B 266 29.24 -24.15 6.94
C PHE B 266 28.54 -23.57 8.17
N VAL B 267 29.03 -23.91 9.37
CA VAL B 267 28.50 -23.34 10.59
C VAL B 267 29.19 -22.02 10.89
N LEU B 268 28.40 -20.98 11.15
CA LEU B 268 28.94 -19.68 11.50
C LEU B 268 29.43 -19.68 12.94
N PRO B 269 30.65 -19.17 13.17
CA PRO B 269 31.18 -19.10 14.54
C PRO B 269 30.30 -18.20 15.38
N PRO B 270 29.68 -18.75 16.45
CA PRO B 270 28.70 -18.10 17.33
C PRO B 270 29.03 -16.63 17.63
N GLU B 271 30.31 -16.35 17.82
CA GLU B 271 30.80 -15.00 18.07
C GLU B 271 30.63 -14.04 16.88
N LEU B 272 30.36 -14.56 15.69
CA LEU B 272 30.15 -13.71 14.51
C LEU B 272 28.70 -13.24 14.42
N VAL B 273 27.78 -14.02 14.97
CA VAL B 273 26.38 -13.67 14.90
C VAL B 273 25.94 -12.89 16.15
N LEU B 274 26.00 -11.57 16.04
CA LEU B 274 25.53 -10.70 17.10
C LEU B 274 24.01 -10.78 17.21
N GLU B 275 23.50 -10.79 18.45
CA GLU B 275 22.08 -10.97 18.69
C GLU B 275 21.66 -10.09 19.84
N VAL B 276 20.38 -9.72 19.86
CA VAL B 276 19.86 -8.84 20.89
C VAL B 276 18.68 -9.48 21.60
N PRO B 277 18.83 -9.76 22.89
CA PRO B 277 17.72 -10.28 23.69
C PRO B 277 16.69 -9.17 23.92
N LEU B 278 15.41 -9.46 23.73
CA LEU B 278 14.40 -8.41 23.81
C LEU B 278 13.78 -8.28 25.20
N GLU B 279 13.75 -7.06 25.70
CA GLU B 279 13.03 -6.76 26.94
C GLU B 279 12.30 -5.42 26.84
N HIS B 280 11.11 -5.35 27.43
CA HIS B 280 10.32 -4.12 27.41
C HIS B 280 10.81 -3.16 28.50
N PRO B 281 10.81 -1.85 28.23
CA PRO B 281 11.31 -0.86 29.17
C PRO B 281 10.50 -0.73 30.47
N THR B 282 9.24 -1.17 30.46
CA THR B 282 8.43 -1.04 31.67
C THR B 282 7.67 -2.32 32.03
N LEU B 283 7.48 -3.20 31.06
CA LEU B 283 6.85 -4.48 31.32
C LEU B 283 7.91 -5.53 31.64
N GLU B 284 8.24 -5.66 32.92
CA GLU B 284 9.31 -6.54 33.37
C GLU B 284 9.08 -8.00 32.96
N TRP B 285 7.83 -8.36 32.69
CA TRP B 285 7.49 -9.71 32.30
C TRP B 285 7.84 -10.03 30.83
N PHE B 286 8.20 -9.01 30.06
CA PHE B 286 8.44 -9.23 28.63
C PHE B 286 9.69 -10.06 28.37
N ALA B 287 10.77 -9.74 29.08
CA ALA B 287 12.03 -10.47 28.90
C ALA B 287 11.85 -11.96 29.17
N ALA B 288 10.91 -12.29 30.04
CA ALA B 288 10.64 -13.67 30.42
C ALA B 288 10.11 -14.48 29.25
N LEU B 289 9.69 -13.81 28.19
CA LEU B 289 9.20 -14.48 26.99
C LEU B 289 10.33 -15.14 26.20
N GLY B 290 11.57 -14.86 26.61
CA GLY B 290 12.72 -15.45 25.96
C GLY B 290 12.80 -15.13 24.48
N LEU B 291 12.55 -13.87 24.15
CA LEU B 291 12.58 -13.40 22.78
C LEU B 291 13.89 -12.73 22.43
N ARG B 292 14.39 -12.99 21.22
CA ARG B 292 15.63 -12.39 20.75
C ARG B 292 15.61 -12.24 19.23
N TRP B 293 16.35 -11.27 18.71
CA TRP B 293 16.59 -11.22 17.27
C TRP B 293 18.05 -10.88 16.97
N TYR B 294 18.52 -11.27 15.78
CA TYR B 294 19.88 -10.94 15.36
C TYR B 294 19.98 -9.51 14.85
N ALA B 295 21.19 -8.96 14.93
CA ALA B 295 21.44 -7.58 14.59
C ALA B 295 21.58 -7.31 13.08
N LEU B 296 22.10 -8.29 12.35
CA LEU B 296 22.53 -8.04 10.99
C LEU B 296 21.53 -8.57 9.96
N PRO B 297 20.86 -7.66 9.23
CA PRO B 297 20.01 -8.11 8.13
C PRO B 297 20.83 -8.26 6.86
N ALA B 298 21.30 -9.47 6.55
CA ALA B 298 22.13 -9.67 5.37
C ALA B 298 21.41 -10.54 4.34
N VAL B 299 20.96 -9.93 3.26
CA VAL B 299 20.19 -10.64 2.26
C VAL B 299 21.10 -11.28 1.22
N SER B 300 20.90 -12.57 0.97
CA SER B 300 21.88 -13.34 0.20
C SER B 300 21.35 -14.09 -1.04
N ASN B 301 20.09 -13.90 -1.43
CA ASN B 301 19.53 -14.68 -2.54
C ASN B 301 19.09 -13.83 -3.72
N MET B 302 19.36 -12.54 -3.66
CA MET B 302 18.99 -11.64 -4.75
C MET B 302 20.10 -11.59 -5.76
N LEU B 303 19.74 -11.34 -7.01
CA LEU B 303 20.72 -11.22 -8.07
C LEU B 303 21.10 -9.76 -8.29
N LEU B 304 22.40 -9.51 -8.43
CA LEU B 304 22.86 -8.17 -8.74
C LEU B 304 23.19 -8.07 -10.21
N GLU B 305 22.51 -7.17 -10.91
CA GLU B 305 22.77 -6.97 -12.33
C GLU B 305 23.37 -5.59 -12.62
N ILE B 306 24.54 -5.59 -13.23
CA ILE B 306 25.24 -4.38 -13.58
C ILE B 306 25.70 -4.51 -15.02
N GLY B 307 25.30 -3.55 -15.85
CA GLY B 307 25.71 -3.54 -17.24
C GLY B 307 25.53 -4.84 -18.01
N GLY B 308 24.44 -5.56 -17.72
CA GLY B 308 24.15 -6.80 -18.40
C GLY B 308 24.76 -8.01 -17.73
N LEU B 309 25.88 -7.82 -17.06
CA LEU B 309 26.46 -8.89 -16.27
C LEU B 309 25.54 -9.22 -15.10
N GLU B 310 25.56 -10.46 -14.66
CA GLU B 310 24.71 -10.89 -13.55
C GLU B 310 25.53 -11.53 -12.44
N PHE B 311 25.29 -11.08 -11.22
CA PHE B 311 26.00 -11.63 -10.10
C PHE B 311 25.01 -12.38 -9.21
N SER B 312 25.08 -13.71 -9.25
CA SER B 312 24.06 -14.57 -8.63
C SER B 312 24.27 -14.76 -7.14
N ALA B 313 25.44 -14.33 -6.65
CA ALA B 313 25.74 -14.37 -5.23
C ALA B 313 26.45 -13.06 -4.87
N ALA B 314 25.73 -12.24 -4.12
CA ALA B 314 26.17 -10.89 -3.81
C ALA B 314 25.44 -10.49 -2.56
N PRO B 315 25.72 -11.17 -1.45
CA PRO B 315 24.95 -10.86 -0.24
C PRO B 315 25.28 -9.46 0.24
N PHE B 316 24.26 -8.72 0.68
CA PHE B 316 24.44 -7.36 1.13
C PHE B 316 23.75 -7.19 2.46
N SER B 317 24.12 -6.16 3.20
CA SER B 317 23.52 -5.91 4.50
C SER B 317 23.58 -4.44 4.92
N GLY B 318 22.65 -4.08 5.79
CA GLY B 318 22.60 -2.75 6.35
C GLY B 318 22.25 -2.86 7.80
N TRP B 319 21.21 -2.18 8.20
CA TRP B 319 20.71 -2.35 9.56
C TRP B 319 19.20 -2.45 9.52
N TYR B 320 18.62 -3.01 10.56
CA TYR B 320 17.19 -3.21 10.60
C TYR B 320 16.40 -1.92 10.82
N MET B 321 15.19 -1.90 10.26
CA MET B 321 14.18 -0.96 10.70
C MET B 321 13.30 -1.75 11.67
N SER B 322 13.10 -1.20 12.87
CA SER B 322 12.40 -1.90 13.95
C SER B 322 11.16 -2.68 13.55
N THR B 323 10.32 -2.11 12.67
CA THR B 323 9.08 -2.81 12.30
C THR B 323 9.32 -4.17 11.61
N GLU B 324 10.46 -4.33 10.92
CA GLU B 324 10.77 -5.61 10.28
C GLU B 324 10.78 -6.74 11.27
N ILE B 325 11.40 -6.49 12.42
CA ILE B 325 11.46 -7.45 13.52
C ILE B 325 10.16 -7.47 14.35
N GLY B 326 9.79 -6.31 14.86
CA GLY B 326 8.66 -6.19 15.75
C GLY B 326 7.31 -6.50 15.14
N THR B 327 7.09 -6.06 13.90
CA THR B 327 5.80 -6.28 13.26
C THR B 327 5.78 -7.53 12.40
N ARG B 328 6.56 -7.56 11.34
CA ARG B 328 6.57 -8.70 10.42
C ARG B 328 7.09 -10.00 11.02
N ASN B 329 8.38 -10.06 11.35
CA ASN B 329 8.97 -11.31 11.87
C ASN B 329 8.34 -11.90 13.12
N LEU B 330 7.96 -11.05 14.08
CA LEU B 330 7.44 -11.56 15.35
C LEU B 330 5.91 -11.63 15.43
N CYS B 331 5.22 -10.74 14.70
CA CYS B 331 3.76 -10.68 14.74
C CYS B 331 3.02 -11.29 13.55
N ASP B 332 3.67 -11.39 12.37
CA ASP B 332 3.01 -12.00 11.20
C ASP B 332 2.48 -13.35 11.59
N PRO B 333 1.27 -13.66 11.12
CA PRO B 333 0.61 -14.92 11.47
C PRO B 333 1.45 -16.13 11.03
N HIS B 334 2.03 -16.06 9.84
CA HIS B 334 2.83 -17.16 9.29
C HIS B 334 4.31 -17.08 9.68
N ARG B 335 4.59 -16.33 10.75
CA ARG B 335 5.94 -16.27 11.34
C ARG B 335 5.86 -16.70 12.80
N TYR B 336 6.61 -16.05 13.69
CA TYR B 336 6.61 -16.43 15.10
C TYR B 336 5.26 -16.21 15.75
N ASN B 337 4.50 -15.27 15.18
CA ASN B 337 3.11 -15.06 15.57
C ASN B 337 2.90 -14.98 17.09
N ILE B 338 3.49 -13.96 17.72
CA ILE B 338 3.45 -13.84 19.18
C ILE B 338 2.39 -12.87 19.72
N LEU B 339 1.56 -12.33 18.83
CA LEU B 339 0.60 -11.27 19.17
C LEU B 339 -0.30 -11.63 20.33
N GLU B 340 -1.02 -12.74 20.21
CA GLU B 340 -1.92 -13.17 21.26
C GLU B 340 -1.19 -13.39 22.58
N ASP B 341 -0.07 -14.12 22.53
CA ASP B 341 0.75 -14.35 23.72
C ASP B 341 1.01 -13.09 24.52
N VAL B 342 1.67 -12.12 23.91
CA VAL B 342 1.90 -10.81 24.51
C VAL B 342 0.61 -10.16 25.00
N ALA B 343 -0.45 -10.26 24.21
CA ALA B 343 -1.71 -9.61 24.53
C ALA B 343 -2.33 -10.16 25.80
N VAL B 344 -2.08 -11.44 26.09
CA VAL B 344 -2.62 -12.09 27.27
C VAL B 344 -1.85 -11.65 28.50
N CAS B 345 -0.55 -11.47 28.32
CA CAS B 345 0.30 -11.02 29.41
CB CAS B 345 1.76 -11.31 29.09
C CAS B 345 0.07 -9.53 29.70
O CAS B 345 0.50 -9.02 30.73
SG CAS B 345 2.08 -13.00 28.53
AS CAS B 345 3.42 -13.51 30.46
CE1 CAS B 345 4.14 -15.26 29.82
CE2 CAS B 345 1.91 -13.48 31.76
N MET B 346 -0.60 -8.85 28.78
CA MET B 346 -0.97 -7.46 29.00
C MET B 346 -2.39 -7.43 29.55
N ASP B 347 -2.96 -8.63 29.73
CA ASP B 347 -4.32 -8.80 30.23
C ASP B 347 -5.36 -8.05 29.39
N LEU B 348 -5.29 -8.24 28.08
CA LEU B 348 -6.21 -7.58 27.16
C LEU B 348 -7.37 -8.48 26.79
N ASP B 349 -8.35 -7.92 26.10
CA ASP B 349 -9.54 -8.67 25.72
C ASP B 349 -9.37 -9.31 24.35
N THR B 350 -8.90 -10.55 24.34
CA THR B 350 -8.71 -11.27 23.08
C THR B 350 -10.05 -11.56 22.43
N ARG B 351 -11.10 -11.58 23.24
CA ARG B 351 -12.42 -11.97 22.78
C ARG B 351 -12.92 -11.18 21.57
N THR B 352 -12.40 -9.97 21.39
CA THR B 352 -12.96 -9.12 20.36
C THR B 352 -11.94 -8.19 19.70
N THR B 353 -12.20 -7.84 18.45
CA THR B 353 -11.29 -7.03 17.66
C THR B 353 -11.39 -5.57 18.06
N SER B 354 -12.60 -5.15 18.42
CA SER B 354 -12.86 -3.74 18.66
C SER B 354 -12.09 -3.18 19.85
N SER B 355 -11.46 -4.06 20.65
CA SER B 355 -10.62 -3.65 21.76
C SER B 355 -9.20 -3.30 21.30
N LEU B 356 -8.95 -3.44 20.00
CA LEU B 356 -7.65 -3.17 19.39
C LEU B 356 -6.47 -3.81 20.14
N TRP B 357 -6.72 -5.01 20.70
CA TRP B 357 -5.67 -5.72 21.45
C TRP B 357 -4.46 -6.03 20.60
N LYS B 358 -4.71 -6.35 19.33
CA LYS B 358 -3.63 -6.61 18.40
C LYS B 358 -2.75 -5.37 18.22
N ASP B 359 -3.40 -4.21 18.08
CA ASP B 359 -2.69 -2.96 17.83
C ASP B 359 -1.90 -2.56 19.06
N LYS B 360 -2.48 -2.77 20.24
CA LYS B 360 -1.78 -2.50 21.48
C LYS B 360 -0.56 -3.40 21.66
N ALA B 361 -0.75 -4.72 21.54
CA ALA B 361 0.36 -5.65 21.68
C ALA B 361 1.48 -5.34 20.71
N ALA B 362 1.13 -5.08 19.45
CA ALA B 362 2.12 -4.76 18.41
C ALA B 362 2.97 -3.55 18.76
N VAL B 363 2.34 -2.50 19.28
CA VAL B 363 3.05 -1.29 19.66
C VAL B 363 4.09 -1.58 20.75
N GLU B 364 3.73 -2.40 21.74
CA GLU B 364 4.67 -2.80 22.79
C GLU B 364 5.80 -3.71 22.28
N ILE B 365 5.50 -4.56 21.32
CA ILE B 365 6.53 -5.42 20.73
C ILE B 365 7.52 -4.56 19.98
N ASN B 366 7.03 -3.64 19.16
CA ASN B 366 7.94 -2.71 18.48
C ASN B 366 8.76 -1.84 19.47
N LEU B 367 8.11 -1.41 20.54
CA LEU B 367 8.81 -0.64 21.57
C LEU B 367 9.92 -1.50 22.17
N ALA B 368 9.57 -2.72 22.55
CA ALA B 368 10.53 -3.68 23.10
C ALA B 368 11.77 -3.84 22.23
N VAL B 369 11.58 -3.95 20.92
CA VAL B 369 12.69 -4.13 19.98
C VAL B 369 13.59 -2.91 19.92
N LEU B 370 12.99 -1.73 19.81
CA LEU B 370 13.74 -0.48 19.76
C LEU B 370 14.53 -0.25 21.02
N HIS B 371 13.89 -0.51 22.16
CA HIS B 371 14.52 -0.38 23.47
C HIS B 371 15.72 -1.28 23.62
N SER B 372 15.47 -2.58 23.42
CA SER B 372 16.51 -3.60 23.47
C SER B 372 17.72 -3.26 22.59
N PHE B 373 17.49 -2.95 21.32
CA PHE B 373 18.62 -2.65 20.42
C PHE B 373 19.41 -1.44 20.89
N GLN B 374 18.70 -0.39 21.30
CA GLN B 374 19.34 0.83 21.79
C GLN B 374 20.10 0.57 23.08
N LEU B 375 19.57 -0.34 23.90
CA LEU B 375 20.24 -0.71 25.13
C LEU B 375 21.50 -1.52 24.87
N ALA B 376 21.50 -2.25 23.76
CA ALA B 376 22.62 -3.12 23.43
C ALA B 376 23.57 -2.41 22.48
N LYS B 377 23.30 -1.14 22.24
CA LYS B 377 24.12 -0.30 21.37
C LYS B 377 24.31 -0.91 19.98
N VAL B 378 23.24 -1.45 19.42
CA VAL B 378 23.24 -1.99 18.08
C VAL B 378 22.42 -1.06 17.18
N THR B 379 22.92 -0.76 15.99
CA THR B 379 22.27 0.22 15.13
C THR B 379 20.85 -0.24 14.76
N ILE B 380 19.89 0.69 14.76
CA ILE B 380 18.52 0.38 14.36
C ILE B 380 17.79 1.68 14.09
N VAL B 381 16.78 1.63 13.22
CA VAL B 381 16.03 2.84 12.91
C VAL B 381 14.53 2.57 13.04
N ASP B 382 13.83 3.44 13.75
CA ASP B 382 12.39 3.25 13.89
C ASP B 382 11.73 3.64 12.56
N HIS B 383 10.48 3.24 12.36
CA HIS B 383 9.75 3.55 11.13
C HIS B 383 9.47 5.05 10.92
N HIS B 384 9.52 5.83 11.99
CA HIS B 384 9.27 7.26 11.85
C HIS B 384 10.52 7.94 11.36
N ALA B 385 11.64 7.68 12.02
CA ALA B 385 12.91 8.25 11.56
C ALA B 385 13.19 7.81 10.13
N ALA B 386 12.97 6.52 9.86
CA ALA B 386 13.29 5.96 8.55
C ALA B 386 12.51 6.61 7.39
N THR B 387 11.21 6.74 7.55
CA THR B 387 10.43 7.37 6.50
C THR B 387 10.75 8.87 6.40
N VAL B 388 11.04 9.50 7.54
CA VAL B 388 11.46 10.90 7.54
C VAL B 388 12.74 11.09 6.69
N SER B 389 13.74 10.25 6.89
CA SER B 389 14.90 10.30 6.00
C SER B 389 14.56 9.94 4.53
N PHE B 390 13.59 9.05 4.30
CA PHE B 390 13.25 8.70 2.92
C PHE B 390 12.69 9.87 2.13
N MET B 391 11.79 10.63 2.76
CA MET B 391 11.34 11.93 2.23
C MET B 391 12.51 12.80 1.80
N LYS B 392 13.49 12.94 2.68
CA LYS B 392 14.67 13.77 2.41
C LYS B 392 15.37 13.20 1.19
N HIS B 393 15.42 11.87 1.14
CA HIS B 393 16.06 11.18 0.03
C HIS B 393 15.38 11.48 -1.30
N LEU B 394 14.05 11.32 -1.35
CA LEU B 394 13.25 11.66 -2.55
C LEU B 394 13.58 13.05 -3.07
N ASP B 395 13.77 13.97 -2.13
CA ASP B 395 14.10 15.35 -2.47
C ASP B 395 15.49 15.50 -3.09
N ASN B 396 16.48 14.86 -2.47
CA ASN B 396 17.84 14.82 -3.04
C ASN B 396 17.77 14.28 -4.46
N GLU B 397 17.03 13.19 -4.61
CA GLU B 397 16.86 12.48 -5.87
C GLU B 397 16.15 13.29 -6.93
N GLN B 398 15.04 13.90 -6.55
CA GLN B 398 14.36 14.84 -7.46
C GLN B 398 15.31 15.90 -8.02
N LYS B 399 16.21 16.42 -7.18
CA LYS B 399 17.13 17.45 -7.64
C LYS B 399 18.23 16.85 -8.50
N ALA B 400 18.62 15.62 -8.16
CA ALA B 400 19.75 14.95 -8.79
C ALA B 400 19.41 14.30 -10.15
N ARG B 401 18.33 13.53 -10.21
CA ARG B 401 18.00 12.74 -11.41
C ARG B 401 16.65 13.07 -12.02
N GLY B 402 15.87 13.90 -11.34
CA GLY B 402 14.55 14.26 -11.85
C GLY B 402 13.48 13.25 -11.48
N GLY B 403 13.71 12.52 -10.40
CA GLY B 403 12.77 11.53 -9.93
C GLY B 403 13.42 10.51 -9.04
N CYS B 404 12.63 9.56 -8.56
CA CYS B 404 13.14 8.46 -7.74
C CYS B 404 12.15 7.30 -7.70
N PRO B 405 12.51 6.15 -8.30
CA PRO B 405 11.62 4.98 -8.30
C PRO B 405 11.31 4.48 -6.89
N ALA B 406 10.03 4.44 -6.54
CA ALA B 406 9.62 4.02 -5.20
C ALA B 406 8.36 3.14 -5.22
N ASP B 407 8.38 2.07 -4.43
CA ASP B 407 7.22 1.19 -4.30
C ASP B 407 6.49 1.56 -3.02
N TRP B 408 5.43 2.36 -3.18
CA TRP B 408 4.64 2.88 -2.06
C TRP B 408 4.23 1.79 -1.07
N ALA B 409 3.73 0.67 -1.58
CA ALA B 409 3.22 -0.40 -0.73
C ALA B 409 4.33 -0.96 0.15
N TRP B 410 5.57 -0.86 -0.34
CA TRP B 410 6.75 -1.33 0.39
C TRP B 410 7.47 -0.24 1.21
N ILE B 411 7.30 1.04 0.84
CA ILE B 411 7.90 2.14 1.61
C ILE B 411 7.10 2.46 2.90
N VAL B 412 5.77 2.52 2.79
CA VAL B 412 4.91 2.62 3.97
C VAL B 412 5.10 1.41 4.87
N PRO B 413 5.47 1.66 6.14
CA PRO B 413 5.72 0.61 7.16
C PRO B 413 4.45 -0.18 7.50
N PRO B 414 4.60 -1.38 8.13
CA PRO B 414 3.48 -2.30 8.40
C PRO B 414 2.57 -1.87 9.56
N ILE B 415 2.99 -0.90 10.35
CA ILE B 415 2.08 -0.26 11.31
C ILE B 415 2.14 1.24 11.14
N SER B 416 1.08 1.91 11.60
CA SER B 416 1.10 3.37 11.74
C SER B 416 1.33 4.04 10.41
N GLY B 417 0.86 3.39 9.35
CA GLY B 417 1.03 3.86 7.99
C GLY B 417 0.86 5.35 7.75
N SER B 418 -0.36 5.86 7.92
CA SER B 418 -0.61 7.27 7.70
C SER B 418 0.08 8.20 8.71
N LEU B 419 0.52 7.65 9.83
CA LEU B 419 1.28 8.43 10.82
C LEU B 419 2.69 8.79 10.33
N THR B 420 3.04 8.32 9.13
CA THR B 420 4.36 8.60 8.57
C THR B 420 4.20 9.47 7.32
N PRO B 421 5.21 10.32 7.02
CA PRO B 421 5.07 11.25 5.89
C PRO B 421 4.99 10.55 4.52
N VAL B 422 5.55 9.34 4.38
CA VAL B 422 5.59 8.67 3.09
C VAL B 422 4.22 8.18 2.63
N PHE B 423 3.32 7.93 3.57
CA PHE B 423 1.93 7.56 3.25
C PHE B 423 1.26 8.59 2.35
N HIS B 424 1.54 9.87 2.62
CA HIS B 424 0.83 10.96 1.99
C HIS B 424 1.52 11.46 0.72
N GLN B 425 2.60 10.77 0.37
CA GLN B 425 3.38 11.09 -0.82
C GLN B 425 3.11 10.11 -1.97
N GLU B 426 2.68 10.63 -3.13
CA GLU B 426 2.59 9.81 -4.34
C GLU B 426 3.97 9.38 -4.83
N MET B 427 4.05 8.20 -5.44
CA MET B 427 5.32 7.67 -5.94
C MET B 427 5.17 7.01 -7.31
N VAL B 428 6.20 7.13 -8.14
CA VAL B 428 6.24 6.47 -9.44
C VAL B 428 7.14 5.25 -9.31
N ASN B 429 6.67 4.10 -9.78
CA ASN B 429 7.48 2.87 -9.70
C ASN B 429 7.93 2.36 -11.06
N TYR B 430 9.20 1.99 -11.17
CA TYR B 430 9.78 1.54 -12.43
C TYR B 430 11.15 0.92 -12.19
N ILE B 431 11.71 0.32 -13.25
CA ILE B 431 12.95 -0.43 -13.09
C ILE B 431 14.14 0.24 -13.77
N LEU B 432 15.07 0.71 -12.96
CA LEU B 432 16.34 1.25 -13.47
C LEU B 432 17.42 0.18 -13.31
N SER B 433 18.43 0.23 -14.16
CA SER B 433 19.59 -0.64 -14.03
C SER B 433 20.85 0.19 -13.78
N PRO B 434 21.81 -0.31 -12.99
CA PRO B 434 21.89 -1.55 -12.20
C PRO B 434 20.72 -1.76 -11.25
N ALA B 435 20.47 -3.01 -10.88
CA ALA B 435 19.28 -3.35 -10.13
C ALA B 435 19.47 -4.66 -9.37
N PHE B 436 18.91 -4.74 -8.17
CA PHE B 436 18.79 -6.04 -7.52
C PHE B 436 17.54 -6.74 -8.02
N ARG B 437 17.66 -8.03 -8.34
CA ARG B 437 16.54 -8.81 -8.84
C ARG B 437 16.33 -10.04 -7.99
N TYR B 438 15.15 -10.62 -8.07
CA TYR B 438 14.92 -11.95 -7.55
C TYR B 438 15.39 -13.00 -8.56
N GLN B 439 15.63 -14.22 -8.09
CA GLN B 439 16.05 -15.32 -8.96
C GLN B 439 15.59 -16.63 -8.34
N PRO B 440 15.47 -17.70 -9.17
CA PRO B 440 14.84 -18.93 -8.65
C PRO B 440 15.71 -19.56 -7.59
N ASP B 441 15.14 -20.31 -6.65
CA ASP B 441 15.96 -21.02 -5.68
C ASP B 441 16.73 -22.08 -6.43
N PRO B 442 18.02 -22.26 -6.10
CA PRO B 442 18.91 -23.09 -6.91
C PRO B 442 18.67 -24.59 -6.72
N TRP B 443 17.50 -24.98 -6.23
CA TRP B 443 17.18 -26.40 -6.07
C TRP B 443 15.88 -26.78 -6.76
CHA HEM C . -14.21 3.61 -0.25
CHB HEM C . -15.71 1.43 3.74
CHC HEM C . -20.19 1.42 1.89
CHD HEM C . -18.63 3.08 -2.33
C1A HEM C . -14.25 3.19 1.06
C2A HEM C . -13.24 3.40 2.11
C3A HEM C . -13.68 2.78 3.21
C4A HEM C . -14.95 2.16 2.90
CMA HEM C . -12.98 2.69 4.57
CAA HEM C . -11.91 4.20 2.03
CBA HEM C . -12.21 5.65 1.64
CGA HEM C . -11.18 6.65 2.10
O1A HEM C . -10.22 6.32 2.86
O2A HEM C . -11.31 7.84 1.69
C1B HEM C . -17.05 1.26 3.55
C2B HEM C . -17.91 0.69 4.56
C3B HEM C . -19.14 0.67 4.07
C4B HEM C . -19.11 1.25 2.72
CMB HEM C . -17.42 0.20 5.93
CAB HEM C . -20.39 0.13 4.81
CBB HEM C . -21.43 -0.33 4.10
C1C HEM C . -20.19 1.91 0.62
C2C HEM C . -21.34 2.14 -0.24
C3C HEM C . -20.90 2.62 -1.41
C4C HEM C . -19.46 2.67 -1.32
CMC HEM C . -22.80 1.90 0.18
CAC HEM C . -21.64 3.01 -2.70
CBC HEM C . -22.77 2.43 -3.11
C1D HEM C . -17.29 3.36 -2.16
C2D HEM C . -16.46 3.91 -3.22
C3D HEM C . -15.08 4.08 -2.56
C4D HEM C . -15.23 3.61 -1.19
CMD HEM C . -16.86 4.25 -4.68
CAD HEM C . -13.83 4.64 -3.26
CBD HEM C . -13.50 5.95 -2.52
CGD HEM C . -12.97 6.95 -3.48
O1D HEM C . -12.56 6.53 -4.60
O2D HEM C . -12.95 8.18 -3.16
NA HEM C . -15.27 2.43 1.58
NB HEM C . -17.79 1.59 2.42
NC HEM C . -19.05 2.25 -0.08
ND HEM C . -16.55 3.19 -0.99
FE HEM C . -17.08 2.14 0.63
N1 H4B D . -6.22 4.60 1.41
C2 H4B D . -7.47 5.00 1.75
N2 H4B D . -8.37 4.09 2.23
N3 H4B D . -7.83 6.29 1.63
C4 H4B D . -6.97 7.21 1.17
O4 H4B D . -7.32 8.42 1.05
C4A H4B D . -5.69 6.81 0.80
C8A H4B D . -5.32 5.50 0.93
N5 H4B D . -4.80 7.70 0.32
N8 H4B D . -4.07 5.11 0.58
C6 H4B D . -3.67 7.27 -0.46
C7 H4B D . -3.02 6.03 0.15
C9 H4B D . -2.68 8.44 -0.65
O9 H4B D . -2.35 9.10 0.58
C10 H4B D . -1.41 7.98 -1.38
C11 H4B D . -0.50 9.16 -1.65
O10 H4B D . -1.79 7.37 -2.61
N28 P94 E . -8.84 15.38 -4.22
C27 P94 E . -9.16 14.43 -3.66
C21 P94 E . -10.43 11.15 -1.64
C22 P94 E . -10.25 11.09 -3.02
C23 P94 E . -9.81 12.20 -3.72
C24 P94 E . -9.56 13.38 -3.02
C25 P94 E . -9.75 13.45 -1.65
C26 P94 E . -10.19 12.33 -0.95
C14 P94 E . -10.93 9.94 -0.89
C13 P94 E . -12.36 10.20 -0.44
N12 P94 E . -13.00 8.92 -0.13
C11 P94 E . -14.13 9.20 0.78
C10 P94 E . -16.11 6.45 2.48
C09 P94 E . -15.21 7.49 2.24
C08 P94 E . -15.09 8.05 0.99
C07 P94 E . -15.88 7.57 -0.05
C06 P94 E . -16.79 6.53 0.17
C05 P94 E . -16.90 5.98 1.43
C04 P94 E . -17.81 4.94 1.67
C03 P94 E . -17.89 4.41 2.95
C02 P94 E . -17.07 4.91 3.96
N02 P94 E . -17.14 4.38 5.21
N01 P94 E . -16.19 5.90 3.71
C ACT F . -18.35 -4.46 7.49
O ACT F . -19.09 -3.85 8.28
OXT ACT F . -17.68 -5.48 7.86
CH3 ACT F . -18.19 -3.96 6.08
C ACT G . -12.57 13.49 4.56
O ACT G . -13.21 13.23 5.60
OXT ACT G . -12.61 14.63 4.01
CH3 ACT G . -11.78 12.39 3.89
C1 GOL H . -5.36 12.09 -0.17
O1 GOL H . -6.42 11.54 -0.91
C2 GOL H . -5.53 11.67 1.28
O2 GOL H . -6.20 10.44 1.33
C3 GOL H . -6.34 12.75 1.99
O3 GOL H . -5.84 14.01 1.57
ZN ZN I . 0.46 -0.46 -11.46
CHA HEM J . 14.18 -3.41 1.13
CHB HEM J . 15.54 -0.82 5.01
CHC HEM J . 20.16 -0.80 3.51
CHD HEM J . 18.73 -2.95 -0.58
C1A HEM J . 14.18 -2.82 2.38
C2A HEM J . 13.09 -2.86 3.37
C3A HEM J . 13.48 -2.15 4.43
C4A HEM J . 14.79 -1.62 4.16
CMA HEM J . 12.65 -1.92 5.72
CAA HEM J . 11.76 -3.62 3.23
CBA HEM J . 12.15 -5.08 3.30
CGA HEM J . 11.01 -5.98 3.69
O1A HEM J . 10.12 -5.53 4.46
O2A HEM J . 11.00 -7.15 3.22
C1B HEM J . 16.89 -0.60 4.97
C2B HEM J . 17.68 0.03 5.99
C3B HEM J . 18.95 0.06 5.59
C4B HEM J . 19.03 -0.58 4.29
CMB HEM J . 17.12 0.61 7.30
CAB HEM J . 20.12 0.67 6.43
CBB HEM J . 21.31 0.96 5.92
C1C HEM J . 20.21 -1.47 2.31
C2C HEM J . 21.38 -1.89 1.57
C3C HEM J . 20.96 -2.51 0.45
C4C HEM J . 19.53 -2.47 0.42
CMC HEM J . 22.84 -1.70 2.07
CAC HEM J . 21.79 -3.14 -0.71
CBC HEM J . 23.03 -2.73 -1.00
C1D HEM J . 17.39 -3.30 -0.53
C2D HEM J . 16.67 -4.00 -1.58
C3D HEM J . 15.24 -4.13 -1.05
C4D HEM J . 15.25 -3.52 0.27
CMD HEM J . 17.23 -4.50 -2.93
CAD HEM J . 14.07 -4.84 -1.77
CBD HEM J . 13.75 -6.03 -0.86
CGD HEM J . 13.16 -7.20 -1.60
O1D HEM J . 12.34 -6.96 -2.52
O2D HEM J . 13.53 -8.36 -1.24
NA HEM J . 15.19 -2.05 2.90
NB HEM J . 17.74 -0.96 3.94
NC HEM J . 19.10 -1.83 1.56
ND HEM J . 16.53 -3.03 0.52
FE HEM J . 17.11 -1.76 2.08
N1 H4B K . 6.23 -4.02 2.41
C2 H4B K . 7.40 -4.44 2.95
N2 H4B K . 8.27 -3.52 3.43
N3 H4B K . 7.70 -5.77 3.02
C4 H4B K . 6.83 -6.68 2.55
O4 H4B K . 7.08 -7.91 2.59
C4A H4B K . 5.64 -6.27 1.98
C8A H4B K . 5.34 -4.92 1.92
N5 H4B K . 4.78 -7.17 1.50
N8 H4B K . 4.19 -4.49 1.38
C6 H4B K . 3.84 -6.72 0.50
C7 H4B K . 3.16 -5.40 0.89
C9 H4B K . 2.85 -7.86 0.24
O9 H4B K . 2.37 -8.38 1.48
C10 H4B K . 1.68 -7.41 -0.64
C11 H4B K . 1.02 -8.65 -1.24
O10 H4B K . 2.14 -6.56 -1.69
N28 P94 L . 9.26 -15.36 -2.51
C27 P94 L . 9.51 -14.41 -1.91
C21 P94 L . 10.52 -11.09 0.19
C22 P94 L . 10.82 -11.18 -1.17
C23 P94 L . 10.47 -12.31 -1.88
C24 P94 L . 9.82 -13.36 -1.24
C25 P94 L . 9.53 -13.27 0.12
C26 P94 L . 9.88 -12.13 0.84
C14 P94 L . 10.93 -9.85 0.95
C13 P94 L . 12.42 -9.97 1.23
N12 P94 L . 13.01 -8.65 1.54
C11 P94 L . 13.78 -8.79 2.79
C10 P94 L . 15.85 -6.00 4.27
C09 P94 L . 14.92 -7.02 4.13
C08 P94 L . 14.79 -7.68 2.92
C07 P94 L . 15.59 -7.31 1.84
C06 P94 L . 16.52 -6.30 1.97
C05 P94 L . 16.65 -5.64 3.20
C04 P94 L . 17.58 -4.63 3.35
C03 P94 L . 17.69 -3.99 4.58
C02 P94 L . 16.86 -4.37 5.64
N02 P94 L . 16.95 -3.76 6.85
N01 P94 L . 15.97 -5.37 5.45
C ACT M . 18.30 5.19 8.28
O ACT M . 18.01 6.40 8.47
OXT ACT M . 18.54 4.41 9.24
CH3 ACT M . 18.18 4.62 6.90
C ACT N . 12.29 -12.38 6.97
O ACT N . 11.93 -13.52 6.57
OXT ACT N . 12.68 -12.17 8.14
CH3 ACT N . 12.15 -11.22 6.02
C1 GOL O . 6.46 -11.57 1.09
O1 GOL O . 6.48 -10.24 0.62
C2 GOL O . 5.62 -11.63 2.35
O2 GOL O . 5.63 -10.38 3.00
C3 GOL O . 6.17 -12.73 3.26
O3 GOL O . 5.07 -13.39 3.84
#